data_1R5Q
# 
_entry.id   1R5Q 
# 
_audit_conform.dict_name       mmcif_pdbx.dic 
_audit_conform.dict_version    5.398 
_audit_conform.dict_location   http://mmcif.pdb.org/dictionaries/ascii/mmcif_pdbx.dic 
# 
loop_
_database_2.database_id 
_database_2.database_code 
_database_2.pdbx_database_accession 
_database_2.pdbx_DOI 
PDB   1R5Q         pdb_00001r5q 10.2210/pdb1r5q/pdb 
RCSB  RCSB020470   ?            ?                   
WWPDB D_1000020470 ?            ?                   
# 
loop_
_pdbx_audit_revision_history.ordinal 
_pdbx_audit_revision_history.data_content_type 
_pdbx_audit_revision_history.major_revision 
_pdbx_audit_revision_history.minor_revision 
_pdbx_audit_revision_history.revision_date 
1 'Structure model' 1 0 2004-05-04 
2 'Structure model' 1 1 2008-04-29 
3 'Structure model' 1 2 2011-07-13 
4 'Structure model' 1 3 2024-11-13 
# 
_pdbx_audit_revision_details.ordinal             1 
_pdbx_audit_revision_details.revision_ordinal    1 
_pdbx_audit_revision_details.data_content_type   'Structure model' 
_pdbx_audit_revision_details.provider            repository 
_pdbx_audit_revision_details.type                'Initial release' 
_pdbx_audit_revision_details.description         ? 
_pdbx_audit_revision_details.details             ? 
# 
loop_
_pdbx_audit_revision_group.ordinal 
_pdbx_audit_revision_group.revision_ordinal 
_pdbx_audit_revision_group.data_content_type 
_pdbx_audit_revision_group.group 
1 2 'Structure model' 'Version format compliance' 
2 3 'Structure model' 'Derived calculations'      
3 3 'Structure model' 'Source and taxonomy'       
4 3 'Structure model' 'Version format compliance' 
5 4 'Structure model' 'Data collection'           
6 4 'Structure model' 'Database references'       
7 4 'Structure model' 'Structure summary'         
# 
loop_
_pdbx_audit_revision_category.ordinal 
_pdbx_audit_revision_category.revision_ordinal 
_pdbx_audit_revision_category.data_content_type 
_pdbx_audit_revision_category.category 
1 4 'Structure model' chem_comp_atom            
2 4 'Structure model' chem_comp_bond            
3 4 'Structure model' database_2                
4 4 'Structure model' pdbx_entry_details        
5 4 'Structure model' pdbx_modification_feature 
# 
loop_
_pdbx_audit_revision_item.ordinal 
_pdbx_audit_revision_item.revision_ordinal 
_pdbx_audit_revision_item.data_content_type 
_pdbx_audit_revision_item.item 
1 4 'Structure model' '_database_2.pdbx_DOI'                
2 4 'Structure model' '_database_2.pdbx_database_accession' 
# 
_pdbx_database_status.status_code                     REL 
_pdbx_database_status.entry_id                        1R5Q 
_pdbx_database_status.recvd_initial_deposition_date   2003-10-12 
_pdbx_database_status.deposit_site                    RCSB 
_pdbx_database_status.process_site                    RCSB 
_pdbx_database_status.status_code_sf                  REL 
_pdbx_database_status.SG_entry                        . 
_pdbx_database_status.pdb_format_compatible           Y 
_pdbx_database_status.status_code_mr                  ? 
_pdbx_database_status.status_code_cs                  ? 
_pdbx_database_status.status_code_nmr_data            ? 
_pdbx_database_status.methods_development_category    ? 
# 
loop_
_audit_author.name 
_audit_author.pdbx_ordinal 
'Garces, R.G.' 1 
'Wu, N.'       2 
'Gillon, W.'   3 
'Pai, E.F.'    4 
# 
_citation.id                        primary 
_citation.title                     
'Anabaena circadian clock proteins KaiA and KaiB reveal a potential common binding site to their partner KaiC' 
_citation.journal_abbrev            'Embo J.' 
_citation.journal_volume            23 
_citation.page_first                1688 
_citation.page_last                 1698 
_citation.year                      2004 
_citation.journal_id_ASTM           EMJODG 
_citation.country                   UK 
_citation.journal_id_ISSN           0261-4189 
_citation.journal_id_CSD            0897 
_citation.book_publisher            ? 
_citation.pdbx_database_id_PubMed   15071498 
_citation.pdbx_database_id_DOI      10.1038/sj.emboj.7600190 
# 
loop_
_citation_author.citation_id 
_citation_author.name 
_citation_author.ordinal 
_citation_author.identifier_ORCID 
primary 'Garces, R.G.' 1 ? 
primary 'Wu, N.'       2 ? 
primary 'Gillon, W.'   3 ? 
primary 'Pai, E.F.'    4 ? 
# 
loop_
_entity.id 
_entity.type 
_entity.src_method 
_entity.pdbx_description 
_entity.formula_weight 
_entity.pdbx_number_of_molecules 
_entity.pdbx_ec 
_entity.pdbx_mutation 
_entity.pdbx_fragment 
_entity.details 
1 polymer man 'circadian oscillation regulator' 11978.903 1  ? ? ? ? 
2 water   nat water                             18.015    38 ? ? ? ? 
# 
_entity_name_com.entity_id   1 
_entity_name_com.name        'Kai A' 
# 
_entity_poly.entity_id                      1 
_entity_poly.type                           'polypeptide(L)' 
_entity_poly.nstd_linkage                   no 
_entity_poly.nstd_monomer                   no 
_entity_poly.pdbx_seq_one_letter_code       
;MTQEVDQQILLQQLKSDYRQILLSYFTTDKALKEKIDKFINAVFCANIPVPEIIEIHMELIDEFSKQLRLEGRGDETLMD
YRLTLIDILAHLCEAYRGAIFK
;
_entity_poly.pdbx_seq_one_letter_code_can   
;MTQEVDQQILLQQLKSDYRQILLSYFTTDKALKEKIDKFINAVFCANIPVPEIIEIHMELIDEFSKQLRLEGRGDETLMD
YRLTLIDILAHLCEAYRGAIFK
;
_entity_poly.pdbx_strand_id                 A 
_entity_poly.pdbx_target_identifier         ? 
# 
_pdbx_entity_nonpoly.entity_id   2 
_pdbx_entity_nonpoly.name        water 
_pdbx_entity_nonpoly.comp_id     HOH 
# 
loop_
_entity_poly_seq.entity_id 
_entity_poly_seq.num 
_entity_poly_seq.mon_id 
_entity_poly_seq.hetero 
1 1   MET n 
1 2   THR n 
1 3   GLN n 
1 4   GLU n 
1 5   VAL n 
1 6   ASP n 
1 7   GLN n 
1 8   GLN n 
1 9   ILE n 
1 10  LEU n 
1 11  LEU n 
1 12  GLN n 
1 13  GLN n 
1 14  LEU n 
1 15  LYS n 
1 16  SER n 
1 17  ASP n 
1 18  TYR n 
1 19  ARG n 
1 20  GLN n 
1 21  ILE n 
1 22  LEU n 
1 23  LEU n 
1 24  SER n 
1 25  TYR n 
1 26  PHE n 
1 27  THR n 
1 28  THR n 
1 29  ASP n 
1 30  LYS n 
1 31  ALA n 
1 32  LEU n 
1 33  LYS n 
1 34  GLU n 
1 35  LYS n 
1 36  ILE n 
1 37  ASP n 
1 38  LYS n 
1 39  PHE n 
1 40  ILE n 
1 41  ASN n 
1 42  ALA n 
1 43  VAL n 
1 44  PHE n 
1 45  CYS n 
1 46  ALA n 
1 47  ASN n 
1 48  ILE n 
1 49  PRO n 
1 50  VAL n 
1 51  PRO n 
1 52  GLU n 
1 53  ILE n 
1 54  ILE n 
1 55  GLU n 
1 56  ILE n 
1 57  HIS n 
1 58  MET n 
1 59  GLU n 
1 60  LEU n 
1 61  ILE n 
1 62  ASP n 
1 63  GLU n 
1 64  PHE n 
1 65  SER n 
1 66  LYS n 
1 67  GLN n 
1 68  LEU n 
1 69  ARG n 
1 70  LEU n 
1 71  GLU n 
1 72  GLY n 
1 73  ARG n 
1 74  GLY n 
1 75  ASP n 
1 76  GLU n 
1 77  THR n 
1 78  LEU n 
1 79  MET n 
1 80  ASP n 
1 81  TYR n 
1 82  ARG n 
1 83  LEU n 
1 84  THR n 
1 85  LEU n 
1 86  ILE n 
1 87  ASP n 
1 88  ILE n 
1 89  LEU n 
1 90  ALA n 
1 91  HIS n 
1 92  LEU n 
1 93  CYS n 
1 94  GLU n 
1 95  ALA n 
1 96  TYR n 
1 97  ARG n 
1 98  GLY n 
1 99  ALA n 
1 100 ILE n 
1 101 PHE n 
1 102 LYS n 
# 
_entity_src_gen.entity_id                          1 
_entity_src_gen.pdbx_src_id                        1 
_entity_src_gen.pdbx_alt_source_flag               sample 
_entity_src_gen.pdbx_seq_type                      ? 
_entity_src_gen.pdbx_beg_seq_num                   ? 
_entity_src_gen.pdbx_end_seq_num                   ? 
_entity_src_gen.gene_src_common_name               ? 
_entity_src_gen.gene_src_genus                     Nostoc 
_entity_src_gen.pdbx_gene_src_gene                 'Kai A' 
_entity_src_gen.gene_src_species                   ? 
_entity_src_gen.gene_src_strain                    'PCC 7120' 
_entity_src_gen.gene_src_tissue                    ? 
_entity_src_gen.gene_src_tissue_fraction           ? 
_entity_src_gen.gene_src_details                   ? 
_entity_src_gen.pdbx_gene_src_fragment             ? 
_entity_src_gen.pdbx_gene_src_scientific_name      'Nostoc sp.' 
_entity_src_gen.pdbx_gene_src_ncbi_taxonomy_id     103690 
_entity_src_gen.pdbx_gene_src_variant              ? 
_entity_src_gen.pdbx_gene_src_cell_line            ? 
_entity_src_gen.pdbx_gene_src_atcc                 ? 
_entity_src_gen.pdbx_gene_src_organ                ? 
_entity_src_gen.pdbx_gene_src_organelle            ? 
_entity_src_gen.pdbx_gene_src_cell                 ? 
_entity_src_gen.pdbx_gene_src_cellular_location    ? 
_entity_src_gen.host_org_common_name               ? 
_entity_src_gen.pdbx_host_org_scientific_name      'Escherichia coli BL21' 
_entity_src_gen.pdbx_host_org_ncbi_taxonomy_id     511693 
_entity_src_gen.host_org_genus                     Escherichia 
_entity_src_gen.pdbx_host_org_gene                 ? 
_entity_src_gen.pdbx_host_org_organ                ? 
_entity_src_gen.host_org_species                   'Escherichia coli' 
_entity_src_gen.pdbx_host_org_tissue               ? 
_entity_src_gen.pdbx_host_org_tissue_fraction      ? 
_entity_src_gen.pdbx_host_org_strain               'Bl 21' 
_entity_src_gen.pdbx_host_org_variant              ? 
_entity_src_gen.pdbx_host_org_cell_line            ? 
_entity_src_gen.pdbx_host_org_atcc                 ? 
_entity_src_gen.pdbx_host_org_culture_collection   ? 
_entity_src_gen.pdbx_host_org_cell                 ? 
_entity_src_gen.pdbx_host_org_organelle            ? 
_entity_src_gen.pdbx_host_org_cellular_location    ? 
_entity_src_gen.pdbx_host_org_vector_type          PLASMID 
_entity_src_gen.pdbx_host_org_vector               ? 
_entity_src_gen.host_org_details                   ? 
_entity_src_gen.expression_system_id               ? 
_entity_src_gen.plasmid_name                       pET32 
_entity_src_gen.plasmid_details                    ? 
_entity_src_gen.pdbx_description                   ? 
# 
loop_
_chem_comp.id 
_chem_comp.type 
_chem_comp.mon_nstd_flag 
_chem_comp.name 
_chem_comp.pdbx_synonyms 
_chem_comp.formula 
_chem_comp.formula_weight 
ALA 'L-peptide linking' y ALANINE         ? 'C3 H7 N O2'     89.093  
ARG 'L-peptide linking' y ARGININE        ? 'C6 H15 N4 O2 1' 175.209 
ASN 'L-peptide linking' y ASPARAGINE      ? 'C4 H8 N2 O3'    132.118 
ASP 'L-peptide linking' y 'ASPARTIC ACID' ? 'C4 H7 N O4'     133.103 
CYS 'L-peptide linking' y CYSTEINE        ? 'C3 H7 N O2 S'   121.158 
GLN 'L-peptide linking' y GLUTAMINE       ? 'C5 H10 N2 O3'   146.144 
GLU 'L-peptide linking' y 'GLUTAMIC ACID' ? 'C5 H9 N O4'     147.129 
GLY 'peptide linking'   y GLYCINE         ? 'C2 H5 N O2'     75.067  
HIS 'L-peptide linking' y HISTIDINE       ? 'C6 H10 N3 O2 1' 156.162 
HOH non-polymer         . WATER           ? 'H2 O'           18.015  
ILE 'L-peptide linking' y ISOLEUCINE      ? 'C6 H13 N O2'    131.173 
LEU 'L-peptide linking' y LEUCINE         ? 'C6 H13 N O2'    131.173 
LYS 'L-peptide linking' y LYSINE          ? 'C6 H15 N2 O2 1' 147.195 
MET 'L-peptide linking' y METHIONINE      ? 'C5 H11 N O2 S'  149.211 
PHE 'L-peptide linking' y PHENYLALANINE   ? 'C9 H11 N O2'    165.189 
PRO 'L-peptide linking' y PROLINE         ? 'C5 H9 N O2'     115.130 
SER 'L-peptide linking' y SERINE          ? 'C3 H7 N O3'     105.093 
THR 'L-peptide linking' y THREONINE       ? 'C4 H9 N O3'     119.119 
TYR 'L-peptide linking' y TYROSINE        ? 'C9 H11 N O3'    181.189 
VAL 'L-peptide linking' y VALINE          ? 'C5 H11 N O2'    117.146 
# 
loop_
_pdbx_poly_seq_scheme.asym_id 
_pdbx_poly_seq_scheme.entity_id 
_pdbx_poly_seq_scheme.seq_id 
_pdbx_poly_seq_scheme.mon_id 
_pdbx_poly_seq_scheme.ndb_seq_num 
_pdbx_poly_seq_scheme.pdb_seq_num 
_pdbx_poly_seq_scheme.auth_seq_num 
_pdbx_poly_seq_scheme.pdb_mon_id 
_pdbx_poly_seq_scheme.auth_mon_id 
_pdbx_poly_seq_scheme.pdb_strand_id 
_pdbx_poly_seq_scheme.pdb_ins_code 
_pdbx_poly_seq_scheme.hetero 
A 1 1   MET 1   1   ?   ?   ?   A . n 
A 1 2   THR 2   2   ?   ?   ?   A . n 
A 1 3   GLN 3   3   ?   ?   ?   A . n 
A 1 4   GLU 4   4   4   GLU GLU A . n 
A 1 5   VAL 5   5   5   VAL VAL A . n 
A 1 6   ASP 6   6   6   ASP ASP A . n 
A 1 7   GLN 7   7   7   GLN GLN A . n 
A 1 8   GLN 8   8   8   GLN GLN A . n 
A 1 9   ILE 9   9   9   ILE ILE A . n 
A 1 10  LEU 10  10  10  LEU LEU A . n 
A 1 11  LEU 11  11  11  LEU LEU A . n 
A 1 12  GLN 12  12  12  GLN GLN A . n 
A 1 13  GLN 13  13  13  GLN GLN A . n 
A 1 14  LEU 14  14  14  LEU LEU A . n 
A 1 15  LYS 15  15  15  LYS LYS A . n 
A 1 16  SER 16  16  16  SER SER A . n 
A 1 17  ASP 17  17  17  ASP ASP A . n 
A 1 18  TYR 18  18  18  TYR TYR A . n 
A 1 19  ARG 19  19  19  ARG ARG A . n 
A 1 20  GLN 20  20  20  GLN GLN A . n 
A 1 21  ILE 21  21  21  ILE ILE A . n 
A 1 22  LEU 22  22  22  LEU LEU A . n 
A 1 23  LEU 23  23  23  LEU LEU A . n 
A 1 24  SER 24  24  24  SER SER A . n 
A 1 25  TYR 25  25  25  TYR TYR A . n 
A 1 26  PHE 26  26  26  PHE PHE A . n 
A 1 27  THR 27  27  27  THR THR A . n 
A 1 28  THR 28  28  28  THR THR A . n 
A 1 29  ASP 29  29  29  ASP ASP A . n 
A 1 30  LYS 30  30  ?   ?   ?   A . n 
A 1 31  ALA 31  31  ?   ?   ?   A . n 
A 1 32  LEU 32  32  32  LEU LEU A . n 
A 1 33  LYS 33  33  33  LYS LYS A . n 
A 1 34  GLU 34  34  34  GLU GLU A . n 
A 1 35  LYS 35  35  35  LYS LYS A . n 
A 1 36  ILE 36  36  36  ILE ILE A . n 
A 1 37  ASP 37  37  37  ASP ASP A . n 
A 1 38  LYS 38  38  38  LYS LYS A . n 
A 1 39  PHE 39  39  39  PHE PHE A . n 
A 1 40  ILE 40  40  40  ILE ILE A . n 
A 1 41  ASN 41  41  41  ASN ASN A . n 
A 1 42  ALA 42  42  42  ALA ALA A . n 
A 1 43  VAL 43  43  43  VAL VAL A . n 
A 1 44  PHE 44  44  44  PHE PHE A . n 
A 1 45  CYS 45  45  45  CYS CYS A . n 
A 1 46  ALA 46  46  46  ALA ALA A . n 
A 1 47  ASN 47  47  47  ASN ASN A . n 
A 1 48  ILE 48  48  48  ILE ILE A . n 
A 1 49  PRO 49  49  49  PRO PRO A . n 
A 1 50  VAL 50  50  50  VAL VAL A . n 
A 1 51  PRO 51  51  51  PRO PRO A . n 
A 1 52  GLU 52  52  52  GLU GLU A . n 
A 1 53  ILE 53  53  53  ILE ILE A . n 
A 1 54  ILE 54  54  54  ILE ILE A . n 
A 1 55  GLU 55  55  55  GLU GLU A . n 
A 1 56  ILE 56  56  56  ILE ILE A . n 
A 1 57  HIS 57  57  57  HIS HIS A . n 
A 1 58  MET 58  58  58  MET MET A . n 
A 1 59  GLU 59  59  59  GLU GLU A . n 
A 1 60  LEU 60  60  60  LEU LEU A . n 
A 1 61  ILE 61  61  61  ILE ILE A . n 
A 1 62  ASP 62  62  62  ASP ASP A . n 
A 1 63  GLU 63  63  63  GLU GLU A . n 
A 1 64  PHE 64  64  64  PHE PHE A . n 
A 1 65  SER 65  65  65  SER SER A . n 
A 1 66  LYS 66  66  66  LYS LYS A . n 
A 1 67  GLN 67  67  67  GLN GLN A . n 
A 1 68  LEU 68  68  68  LEU LEU A . n 
A 1 69  ARG 69  69  69  ARG ARG A . n 
A 1 70  LEU 70  70  70  LEU LEU A . n 
A 1 71  GLU 71  71  ?   ?   ?   A . n 
A 1 72  GLY 72  72  ?   ?   ?   A . n 
A 1 73  ARG 73  73  ?   ?   ?   A . n 
A 1 74  GLY 74  74  74  GLY GLY A . n 
A 1 75  ASP 75  75  75  ASP ASP A . n 
A 1 76  GLU 76  76  ?   ?   ?   A . n 
A 1 77  THR 77  77  ?   ?   ?   A . n 
A 1 78  LEU 78  78  78  LEU LEU A . n 
A 1 79  MET 79  79  79  MET MET A . n 
A 1 80  ASP 80  80  80  ASP ASP A . n 
A 1 81  TYR 81  81  81  TYR TYR A . n 
A 1 82  ARG 82  82  82  ARG ARG A . n 
A 1 83  LEU 83  83  83  LEU LEU A . n 
A 1 84  THR 84  84  84  THR THR A . n 
A 1 85  LEU 85  85  85  LEU LEU A . n 
A 1 86  ILE 86  86  86  ILE ILE A . n 
A 1 87  ASP 87  87  87  ASP ASP A . n 
A 1 88  ILE 88  88  88  ILE ILE A . n 
A 1 89  LEU 89  89  89  LEU LEU A . n 
A 1 90  ALA 90  90  90  ALA ALA A . n 
A 1 91  HIS 91  91  91  HIS HIS A . n 
A 1 92  LEU 92  92  92  LEU LEU A . n 
A 1 93  CYS 93  93  93  CYS CYS A . n 
A 1 94  GLU 94  94  94  GLU GLU A . n 
A 1 95  ALA 95  95  95  ALA ALA A . n 
A 1 96  TYR 96  96  96  TYR TYR A . n 
A 1 97  ARG 97  97  97  ARG ARG A . n 
A 1 98  GLY 98  98  98  GLY GLY A . n 
A 1 99  ALA 99  99  99  ALA ALA A . n 
A 1 100 ILE 100 100 100 ILE ILE A . n 
A 1 101 PHE 101 101 101 PHE PHE A . n 
A 1 102 LYS 102 102 ?   ?   ?   A . n 
# 
loop_
_pdbx_nonpoly_scheme.asym_id 
_pdbx_nonpoly_scheme.entity_id 
_pdbx_nonpoly_scheme.mon_id 
_pdbx_nonpoly_scheme.ndb_seq_num 
_pdbx_nonpoly_scheme.pdb_seq_num 
_pdbx_nonpoly_scheme.auth_seq_num 
_pdbx_nonpoly_scheme.pdb_mon_id 
_pdbx_nonpoly_scheme.auth_mon_id 
_pdbx_nonpoly_scheme.pdb_strand_id 
_pdbx_nonpoly_scheme.pdb_ins_code 
B 2 HOH 1  103 1  HOH TIP A . 
B 2 HOH 2  104 2  HOH TIP A . 
B 2 HOH 3  105 3  HOH TIP A . 
B 2 HOH 4  106 4  HOH TIP A . 
B 2 HOH 5  107 5  HOH TIP A . 
B 2 HOH 6  108 6  HOH TIP A . 
B 2 HOH 7  109 7  HOH TIP A . 
B 2 HOH 8  110 8  HOH TIP A . 
B 2 HOH 9  111 9  HOH TIP A . 
B 2 HOH 10 112 10 HOH TIP A . 
B 2 HOH 11 113 11 HOH TIP A . 
B 2 HOH 12 114 12 HOH TIP A . 
B 2 HOH 13 115 13 HOH TIP A . 
B 2 HOH 14 116 14 HOH TIP A . 
B 2 HOH 15 117 15 HOH TIP A . 
B 2 HOH 16 118 16 HOH TIP A . 
B 2 HOH 17 119 17 HOH TIP A . 
B 2 HOH 18 120 18 HOH TIP A . 
B 2 HOH 19 121 20 HOH TIP A . 
B 2 HOH 20 122 21 HOH TIP A . 
B 2 HOH 21 123 22 HOH TIP A . 
B 2 HOH 22 124 25 HOH TIP A . 
B 2 HOH 23 125 29 HOH TIP A . 
B 2 HOH 24 126 30 HOH TIP A . 
B 2 HOH 25 127 31 HOH TIP A . 
B 2 HOH 26 128 33 HOH TIP A . 
B 2 HOH 27 129 34 HOH TIP A . 
B 2 HOH 28 130 35 HOH TIP A . 
B 2 HOH 29 131 36 HOH TIP A . 
B 2 HOH 30 132 37 HOH TIP A . 
B 2 HOH 31 133 38 HOH TIP A . 
B 2 HOH 32 134 39 HOH TIP A . 
B 2 HOH 33 135 40 HOH TIP A . 
B 2 HOH 34 136 41 HOH TIP A . 
B 2 HOH 35 137 42 HOH TIP A . 
B 2 HOH 36 138 43 HOH TIP A . 
B 2 HOH 37 139 44 HOH TIP A . 
B 2 HOH 38 140 45 HOH TIP A . 
# 
loop_
_software.name 
_software.classification 
_software.version 
_software.citation_id 
_software.pdbx_ordinal 
CNS       refinement       1.1 ? 1 
DENZO     'data reduction' .   ? 2 
SCALEPACK 'data scaling'   .   ? 3 
SOLVE     phasing          .   ? 4 
# 
_cell.entry_id           1R5Q 
_cell.length_a           57.299 
_cell.length_b           57.299 
_cell.length_c           137.515 
_cell.angle_alpha        90.00 
_cell.angle_beta         90.00 
_cell.angle_gamma        120.00 
_cell.Z_PDB              12 
_cell.pdbx_unique_axis   ? 
# 
_symmetry.entry_id                         1R5Q 
_symmetry.space_group_name_H-M             'P 65 2 2' 
_symmetry.pdbx_full_space_group_name_H-M   ? 
_symmetry.cell_setting                     ? 
_symmetry.Int_Tables_number                179 
# 
_exptl.entry_id          1R5Q 
_exptl.method            'X-RAY DIFFRACTION' 
_exptl.crystals_number   2 
# 
_exptl_crystal.id                    1 
_exptl_crystal.density_meas          ? 
_exptl_crystal.density_Matthews      2.72 
_exptl_crystal.density_percent_sol   54.77 
_exptl_crystal.description           ? 
# 
_exptl_crystal_grow.crystal_id      1 
_exptl_crystal_grow.method          'VAPOR DIFFUSION, HANGING DROP' 
_exptl_crystal_grow.temp            298.0 
_exptl_crystal_grow.temp_details    ? 
_exptl_crystal_grow.pH              6.0 
_exptl_crystal_grow.pdbx_details    'MgSO4, pH 6.0, VAPOR DIFFUSION, HANGING DROP, temperature 298.0K' 
_exptl_crystal_grow.pdbx_pH_range   . 
# 
loop_
_diffrn.id 
_diffrn.ambient_temp 
_diffrn.ambient_temp_details 
_diffrn.crystal_id 
1 200 ? 1 
2 200 ? 1 
# 
loop_
_diffrn_detector.diffrn_id 
_diffrn_detector.detector 
_diffrn_detector.type 
_diffrn_detector.pdbx_collection_date 
_diffrn_detector.details 
1 CCD MARRESEARCH 2002-11-16 ? 
2 CCD MARRESEARCH 2002-11-16 ? 
# 
_diffrn_radiation.diffrn_id                        2 
_diffrn_radiation.wavelength_id                    1 
_diffrn_radiation.pdbx_monochromatic_or_laue_m_l   M 
_diffrn_radiation.monochromator                    ? 
_diffrn_radiation.pdbx_diffrn_protocol             MAD 
_diffrn_radiation.pdbx_scattering_type             x-ray 
# 
loop_
_diffrn_radiation_wavelength.id 
_diffrn_radiation_wavelength.wavelength 
_diffrn_radiation_wavelength.wt 
1 1         1.0 
2 0.940707  1.0 
3 0.9188    1.0 
4 0.9192259 1.0 
# 
loop_
_diffrn_source.diffrn_id 
_diffrn_source.source 
_diffrn_source.type 
_diffrn_source.pdbx_synchrotron_site 
_diffrn_source.pdbx_synchrotron_beamline 
_diffrn_source.pdbx_wavelength 
_diffrn_source.pdbx_wavelength_list 
1 SYNCHROTRON 'APS BEAMLINE 14-ID-B' APS 14-ID-B ? 1                             
2 SYNCHROTRON 'APS BEAMLINE 14-ID-B' APS 14-ID-B ? '0.940707, 0.9188, 0.9192259' 
# 
_reflns.entry_id                     1R5Q 
_reflns.observed_criterion_sigma_I   2 
_reflns.observed_criterion_sigma_F   2 
_reflns.d_resolution_low             60 
_reflns.d_resolution_high            2.0 
_reflns.number_obs                   9566 
_reflns.number_all                   ? 
_reflns.percent_possible_obs         98.5 
_reflns.pdbx_Rmerge_I_obs            ? 
_reflns.pdbx_Rsym_value              ? 
_reflns.pdbx_netI_over_sigmaI        ? 
_reflns.B_iso_Wilson_estimate        29.8 
_reflns.pdbx_redundancy              ? 
_reflns.R_free_details               ? 
_reflns.limit_h_max                  ? 
_reflns.limit_h_min                  ? 
_reflns.limit_k_max                  ? 
_reflns.limit_k_min                  ? 
_reflns.limit_l_max                  ? 
_reflns.limit_l_min                  ? 
_reflns.observed_criterion_F_max     ? 
_reflns.observed_criterion_F_min     ? 
_reflns.pdbx_ordinal                 1 
_reflns.pdbx_diffrn_id               2 
# 
_reflns_shell.d_res_high             2.0 
_reflns_shell.d_res_low              2.07 
_reflns_shell.percent_possible_all   100 
_reflns_shell.Rmerge_I_obs           ? 
_reflns_shell.pdbx_Rsym_value        ? 
_reflns_shell.meanI_over_sigI_obs    ? 
_reflns_shell.pdbx_redundancy        ? 
_reflns_shell.percent_possible_obs   ? 
_reflns_shell.number_unique_all      ? 
_reflns_shell.pdbx_ordinal           1 
_reflns_shell.pdbx_diffrn_id         2 
# 
_refine.entry_id                                 1R5Q 
_refine.ls_number_reflns_obs                     8144 
_refine.ls_number_reflns_all                     ? 
_refine.pdbx_ls_sigma_I                          ? 
_refine.pdbx_ls_sigma_F                          0.0 
_refine.pdbx_data_cutoff_high_absF               665115.44 
_refine.pdbx_data_cutoff_low_absF                0.000000 
_refine.pdbx_data_cutoff_high_rms_absF           ? 
_refine.ls_d_res_low                             24.42 
_refine.ls_d_res_high                            2.0 
_refine.ls_percent_reflns_obs                    97.1 
_refine.ls_R_factor_obs                          ? 
_refine.ls_R_factor_all                          ? 
_refine.ls_R_factor_R_work                       0.241 
_refine.ls_R_factor_R_free                       0.269 
_refine.ls_R_factor_R_free_error                 0.009 
_refine.ls_R_factor_R_free_error_details         ? 
_refine.ls_percent_reflns_R_free                 10.6 
_refine.ls_number_reflns_R_free                  865 
_refine.ls_number_parameters                     ? 
_refine.ls_number_restraints                     ? 
_refine.occupancy_min                            ? 
_refine.occupancy_max                            ? 
_refine.correlation_coeff_Fo_to_Fc               ? 
_refine.correlation_coeff_Fo_to_Fc_free          ? 
_refine.B_iso_mean                               41.3 
_refine.aniso_B[1][1]                            -1.25 
_refine.aniso_B[2][2]                            -1.25 
_refine.aniso_B[3][3]                            2.51 
_refine.aniso_B[1][2]                            3.23 
_refine.aniso_B[1][3]                            0.00 
_refine.aniso_B[2][3]                            0.00 
_refine.solvent_model_details                    'FLAT MODEL' 
_refine.solvent_model_param_ksol                 0.429491 
_refine.solvent_model_param_bsol                 66.8921 
_refine.pdbx_solvent_vdw_probe_radii             ? 
_refine.pdbx_solvent_ion_probe_radii             ? 
_refine.pdbx_solvent_shrinkage_radii             ? 
_refine.pdbx_ls_cross_valid_method               THROUGHOUT 
_refine.details                                  ? 
_refine.pdbx_starting_model                      ? 
_refine.pdbx_method_to_determine_struct          MAD 
_refine.pdbx_isotropic_thermal_model             RESTRAINED 
_refine.pdbx_stereochemistry_target_values       'Engh & Huber' 
_refine.pdbx_stereochem_target_val_spec_case     ? 
_refine.pdbx_R_Free_selection_details            RANDOM 
_refine.pdbx_overall_ESU_R                       ? 
_refine.pdbx_overall_ESU_R_Free                  ? 
_refine.overall_SU_ML                            ? 
_refine.overall_SU_B                             ? 
_refine.ls_redundancy_reflns_obs                 ? 
_refine.B_iso_min                                ? 
_refine.B_iso_max                                ? 
_refine.overall_SU_R_Cruickshank_DPI             ? 
_refine.overall_SU_R_free                        ? 
_refine.pdbx_refine_id                           'X-RAY DIFFRACTION' 
_refine.pdbx_diffrn_id                           2 
_refine.pdbx_TLS_residual_ADP_flag               ? 
_refine.pdbx_overall_phase_error                 ? 
_refine.pdbx_overall_SU_R_free_Cruickshank_DPI   ? 
_refine.pdbx_overall_SU_R_Blow_DPI               ? 
_refine.pdbx_overall_SU_R_free_Blow_DPI          ? 
# 
_refine_analyze.entry_id                        1R5Q 
_refine_analyze.Luzzati_coordinate_error_obs    0.27 
_refine_analyze.Luzzati_sigma_a_obs             0.13 
_refine_analyze.Luzzati_d_res_low_obs           5.00 
_refine_analyze.Luzzati_coordinate_error_free   0.30 
_refine_analyze.Luzzati_sigma_a_free            0.21 
_refine_analyze.Luzzati_d_res_low_free          ? 
_refine_analyze.number_disordered_residues      ? 
_refine_analyze.occupancy_sum_hydrogen          ? 
_refine_analyze.occupancy_sum_non_hydrogen      ? 
_refine_analyze.pdbx_Luzzati_d_res_high_obs     ? 
_refine_analyze.pdbx_refine_id                  'X-RAY DIFFRACTION' 
# 
_refine_hist.pdbx_refine_id                   'X-RAY DIFFRACTION' 
_refine_hist.cycle_id                         LAST 
_refine_hist.pdbx_number_atoms_protein        752 
_refine_hist.pdbx_number_atoms_nucleic_acid   0 
_refine_hist.pdbx_number_atoms_ligand         0 
_refine_hist.number_atoms_solvent             38 
_refine_hist.number_atoms_total               790 
_refine_hist.d_res_high                       2.0 
_refine_hist.d_res_low                        24.42 
# 
loop_
_refine_ls_restr.type 
_refine_ls_restr.dev_ideal 
_refine_ls_restr.dev_ideal_target 
_refine_ls_restr.weight 
_refine_ls_restr.number 
_refine_ls_restr.pdbx_refine_id 
_refine_ls_restr.pdbx_restraint_function 
c_bond_d                0.010 ?    ? ? 'X-RAY DIFFRACTION' ? 
c_bond_d_na             ?     ?    ? ? 'X-RAY DIFFRACTION' ? 
c_bond_d_prot           ?     ?    ? ? 'X-RAY DIFFRACTION' ? 
c_angle_d               ?     ?    ? ? 'X-RAY DIFFRACTION' ? 
c_angle_d_na            ?     ?    ? ? 'X-RAY DIFFRACTION' ? 
c_angle_d_prot          ?     ?    ? ? 'X-RAY DIFFRACTION' ? 
c_angle_deg             1.2   ?    ? ? 'X-RAY DIFFRACTION' ? 
c_angle_deg_na          ?     ?    ? ? 'X-RAY DIFFRACTION' ? 
c_angle_deg_prot        ?     ?    ? ? 'X-RAY DIFFRACTION' ? 
c_dihedral_angle_d      18.4  ?    ? ? 'X-RAY DIFFRACTION' ? 
c_dihedral_angle_d_na   ?     ?    ? ? 'X-RAY DIFFRACTION' ? 
c_dihedral_angle_d_prot ?     ?    ? ? 'X-RAY DIFFRACTION' ? 
c_improper_angle_d      0.79  ?    ? ? 'X-RAY DIFFRACTION' ? 
c_improper_angle_d_na   ?     ?    ? ? 'X-RAY DIFFRACTION' ? 
c_improper_angle_d_prot ?     ?    ? ? 'X-RAY DIFFRACTION' ? 
c_mcbond_it             1.34  1.50 ? ? 'X-RAY DIFFRACTION' ? 
c_mcangle_it            2.14  2.00 ? ? 'X-RAY DIFFRACTION' ? 
c_scbond_it             1.97  2.00 ? ? 'X-RAY DIFFRACTION' ? 
c_scangle_it            3.08  2.50 ? ? 'X-RAY DIFFRACTION' ? 
# 
_refine_ls_shell.pdbx_total_number_of_bins_used   6 
_refine_ls_shell.d_res_high                       2.0 
_refine_ls_shell.d_res_low                        2.23 
_refine_ls_shell.number_reflns_R_work             1175 
_refine_ls_shell.R_factor_R_work                  0.245 
_refine_ls_shell.percent_reflns_obs               97.3 
_refine_ls_shell.R_factor_R_free                  0.251 
_refine_ls_shell.R_factor_R_free_error            0.021 
_refine_ls_shell.percent_reflns_R_free            10.4 
_refine_ls_shell.number_reflns_R_free             137 
_refine_ls_shell.number_reflns_obs                ? 
_refine_ls_shell.redundancy_reflns_obs            ? 
_refine_ls_shell.number_reflns_all                ? 
_refine_ls_shell.pdbx_refine_id                   'X-RAY DIFFRACTION' 
_refine_ls_shell.R_factor_all                     ? 
# 
loop_
_pdbx_xplor_file.serial_no 
_pdbx_xplor_file.param_file 
_pdbx_xplor_file.topol_file 
_pdbx_xplor_file.pdbx_refine_id 
1 PROTEIN_REP.PARAM PROTEIN.TOP 'X-RAY DIFFRACTION' 
2 WATER_REP.PARAM   ?           'X-RAY DIFFRACTION' 
# 
_struct.entry_id                  1R5Q 
_struct.title                     'Crystal Structure Analysis of Kai A from PCC7120' 
_struct.pdbx_model_details        ? 
_struct.pdbx_CASP_flag            ? 
_struct.pdbx_model_type_details   ? 
# 
_struct_keywords.entry_id        1R5Q 
_struct_keywords.pdbx_keywords   'GENE REGULATION' 
_struct_keywords.text            'FOUR-HELIX-BUNDLE, GENE REGULATION' 
# 
loop_
_struct_asym.id 
_struct_asym.pdbx_blank_PDB_chainid_flag 
_struct_asym.pdbx_modified 
_struct_asym.entity_id 
_struct_asym.details 
A N N 1 ? 
B N N 2 ? 
# 
_struct_ref.id                         1 
_struct_ref.db_name                    UNP 
_struct_ref.db_code                    KAIA_ANASP 
_struct_ref.pdbx_db_accession          Q8YT42 
_struct_ref.entity_id                  1 
_struct_ref.pdbx_seq_one_letter_code   
;MTQEVDQQILLQQLKSDYRQILLSYFTTDKALKEKIDKFINAVFCANIPVPEIIEIHMELIDEFSKQLRLEGRGDETLMD
YRLTLIDILAHLCEAYRGAIFK
;
_struct_ref.pdbx_align_begin           1 
_struct_ref.pdbx_db_isoform            ? 
# 
_struct_ref_seq.align_id                      1 
_struct_ref_seq.ref_id                        1 
_struct_ref_seq.pdbx_PDB_id_code              1R5Q 
_struct_ref_seq.pdbx_strand_id                A 
_struct_ref_seq.seq_align_beg                 1 
_struct_ref_seq.pdbx_seq_align_beg_ins_code   ? 
_struct_ref_seq.seq_align_end                 102 
_struct_ref_seq.pdbx_seq_align_end_ins_code   ? 
_struct_ref_seq.pdbx_db_accession             Q8YT42 
_struct_ref_seq.db_align_beg                  1 
_struct_ref_seq.pdbx_db_align_beg_ins_code    ? 
_struct_ref_seq.db_align_end                  102 
_struct_ref_seq.pdbx_db_align_end_ins_code    ? 
_struct_ref_seq.pdbx_auth_seq_align_beg       1 
_struct_ref_seq.pdbx_auth_seq_align_end       102 
# 
loop_
_pdbx_struct_assembly.id 
_pdbx_struct_assembly.details 
_pdbx_struct_assembly.method_details 
_pdbx_struct_assembly.oligomeric_details 
_pdbx_struct_assembly.oligomeric_count 
1 author_defined_assembly   ?        monomeric 1 
2 software_defined_assembly PISA,PQS dimeric   2 
# 
loop_
_pdbx_struct_assembly_prop.biol_id 
_pdbx_struct_assembly_prop.type 
_pdbx_struct_assembly_prop.value 
_pdbx_struct_assembly_prop.details 
2 'ABSA (A^2)' 1880  ? 
2 MORE         -19   ? 
2 'SSA (A^2)'  10680 ? 
# 
loop_
_pdbx_struct_assembly_gen.assembly_id 
_pdbx_struct_assembly_gen.oper_expression 
_pdbx_struct_assembly_gen.asym_id_list 
1 1   A,B 
2 1,2 A,B 
# 
loop_
_pdbx_struct_oper_list.id 
_pdbx_struct_oper_list.type 
_pdbx_struct_oper_list.name 
_pdbx_struct_oper_list.symmetry_operation 
_pdbx_struct_oper_list.matrix[1][1] 
_pdbx_struct_oper_list.matrix[1][2] 
_pdbx_struct_oper_list.matrix[1][3] 
_pdbx_struct_oper_list.vector[1] 
_pdbx_struct_oper_list.matrix[2][1] 
_pdbx_struct_oper_list.matrix[2][2] 
_pdbx_struct_oper_list.matrix[2][3] 
_pdbx_struct_oper_list.vector[2] 
_pdbx_struct_oper_list.matrix[3][1] 
_pdbx_struct_oper_list.matrix[3][2] 
_pdbx_struct_oper_list.matrix[3][3] 
_pdbx_struct_oper_list.vector[3] 
1 'identity operation'         1_555  x,y,z         1.0000000000  0.0000000000  0.0000000000 0.0000000000   0.0000000000  1.0000000000  0.0000000000  0.0000000000  0.0000000000 0.0000000000  1.0000000000 0.0000000000 
2 'crystal symmetry operation' 11_555 -x+y,y,-z+1/2 -0.8283250554 -0.0399287763 0.5588231343 -17.7029638899 -0.0399287763 -0.9907132216 -0.1299730951 11.2326990069 0.5588231343 -0.1299730951 0.8190382770 6.2410860549 
# 
_struct_biol.id                    1 
_struct_biol.pdbx_parent_biol_id   ? 
_struct_biol.details               ? 
# 
loop_
_struct_conf.conf_type_id 
_struct_conf.id 
_struct_conf.pdbx_PDB_helix_id 
_struct_conf.beg_label_comp_id 
_struct_conf.beg_label_asym_id 
_struct_conf.beg_label_seq_id 
_struct_conf.pdbx_beg_PDB_ins_code 
_struct_conf.end_label_comp_id 
_struct_conf.end_label_asym_id 
_struct_conf.end_label_seq_id 
_struct_conf.pdbx_end_PDB_ins_code 
_struct_conf.beg_auth_comp_id 
_struct_conf.beg_auth_asym_id 
_struct_conf.beg_auth_seq_id 
_struct_conf.end_auth_comp_id 
_struct_conf.end_auth_asym_id 
_struct_conf.end_auth_seq_id 
_struct_conf.pdbx_PDB_helix_class 
_struct_conf.details 
_struct_conf.pdbx_PDB_helix_length 
HELX_P HELX_P1 1 GLN A 7  ? TYR A 25  ? GLN A 7  TYR A 25  1 ? 19 
HELX_P HELX_P2 2 LEU A 32 ? ALA A 46  ? LEU A 32 ALA A 46  1 ? 15 
HELX_P HELX_P3 3 PRO A 49 ? LEU A 68  ? PRO A 49 LEU A 68  1 ? 20 
HELX_P HELX_P4 4 LEU A 78 ? ASP A 80  ? LEU A 78 ASP A 80  5 ? 3  
HELX_P HELX_P5 5 TYR A 81 ? PHE A 101 ? TYR A 81 PHE A 101 1 ? 21 
# 
_struct_conf_type.id          HELX_P 
_struct_conf_type.criteria    ? 
_struct_conf_type.reference   ? 
# 
_struct_conn.id                            disulf1 
_struct_conn.conn_type_id                  disulf 
_struct_conn.pdbx_leaving_atom_flag        ? 
_struct_conn.pdbx_PDB_id                   ? 
_struct_conn.ptnr1_label_asym_id           A 
_struct_conn.ptnr1_label_comp_id           CYS 
_struct_conn.ptnr1_label_seq_id            93 
_struct_conn.ptnr1_label_atom_id           SG 
_struct_conn.pdbx_ptnr1_label_alt_id       A 
_struct_conn.pdbx_ptnr1_PDB_ins_code       ? 
_struct_conn.pdbx_ptnr1_standard_comp_id   ? 
_struct_conn.ptnr1_symmetry                1_555 
_struct_conn.ptnr2_label_asym_id           A 
_struct_conn.ptnr2_label_comp_id           CYS 
_struct_conn.ptnr2_label_seq_id            93 
_struct_conn.ptnr2_label_atom_id           SG 
_struct_conn.pdbx_ptnr2_label_alt_id       A 
_struct_conn.pdbx_ptnr2_PDB_ins_code       ? 
_struct_conn.ptnr1_auth_asym_id            A 
_struct_conn.ptnr1_auth_comp_id            CYS 
_struct_conn.ptnr1_auth_seq_id             93 
_struct_conn.ptnr2_auth_asym_id            A 
_struct_conn.ptnr2_auth_comp_id            CYS 
_struct_conn.ptnr2_auth_seq_id             93 
_struct_conn.ptnr2_symmetry                11_555 
_struct_conn.pdbx_ptnr3_label_atom_id      ? 
_struct_conn.pdbx_ptnr3_label_seq_id       ? 
_struct_conn.pdbx_ptnr3_label_comp_id      ? 
_struct_conn.pdbx_ptnr3_label_asym_id      ? 
_struct_conn.pdbx_ptnr3_label_alt_id       ? 
_struct_conn.pdbx_ptnr3_PDB_ins_code       ? 
_struct_conn.details                       ? 
_struct_conn.pdbx_dist_value               2.528 
_struct_conn.pdbx_value_order              ? 
_struct_conn.pdbx_role                     ? 
# 
_struct_conn_type.id          disulf 
_struct_conn_type.criteria    ? 
_struct_conn_type.reference   ? 
# 
_pdbx_modification_feature.ordinal                            1 
_pdbx_modification_feature.label_comp_id                      CYS 
_pdbx_modification_feature.label_asym_id                      A 
_pdbx_modification_feature.label_seq_id                       93 
_pdbx_modification_feature.label_alt_id                       A 
_pdbx_modification_feature.modified_residue_label_comp_id     CYS 
_pdbx_modification_feature.modified_residue_label_asym_id     A 
_pdbx_modification_feature.modified_residue_label_seq_id      93 
_pdbx_modification_feature.modified_residue_label_alt_id      A 
_pdbx_modification_feature.auth_comp_id                       CYS 
_pdbx_modification_feature.auth_asym_id                       A 
_pdbx_modification_feature.auth_seq_id                        93 
_pdbx_modification_feature.PDB_ins_code                       ? 
_pdbx_modification_feature.symmetry                           1_555 
_pdbx_modification_feature.modified_residue_auth_comp_id      CYS 
_pdbx_modification_feature.modified_residue_auth_asym_id      A 
_pdbx_modification_feature.modified_residue_auth_seq_id       93 
_pdbx_modification_feature.modified_residue_PDB_ins_code      ? 
_pdbx_modification_feature.modified_residue_symmetry          11_555 
_pdbx_modification_feature.comp_id_linking_atom               SG 
_pdbx_modification_feature.modified_residue_id_linking_atom   SG 
_pdbx_modification_feature.modified_residue_id                . 
_pdbx_modification_feature.ref_pcm_id                         . 
_pdbx_modification_feature.ref_comp_id                        . 
_pdbx_modification_feature.type                               None 
_pdbx_modification_feature.category                           'Disulfide bridge' 
# 
_pdbx_entry_details.entry_id                   1R5Q 
_pdbx_entry_details.compound_details           ? 
_pdbx_entry_details.source_details             ? 
_pdbx_entry_details.nonpolymer_details         ? 
_pdbx_entry_details.sequence_details           ? 
_pdbx_entry_details.has_ligand_of_interest     ? 
_pdbx_entry_details.has_protein_modification   Y 
# 
loop_
_pdbx_validate_torsion.id 
_pdbx_validate_torsion.PDB_model_num 
_pdbx_validate_torsion.auth_comp_id 
_pdbx_validate_torsion.auth_asym_id 
_pdbx_validate_torsion.auth_seq_id 
_pdbx_validate_torsion.PDB_ins_code 
_pdbx_validate_torsion.label_alt_id 
_pdbx_validate_torsion.phi 
_pdbx_validate_torsion.psi 
1 1 ASP A 6  ? ? -164.72 -154.20 
2 1 THR A 27 ? ? -111.50 -165.72 
# 
loop_
_pdbx_unobs_or_zero_occ_residues.id 
_pdbx_unobs_or_zero_occ_residues.PDB_model_num 
_pdbx_unobs_or_zero_occ_residues.polymer_flag 
_pdbx_unobs_or_zero_occ_residues.occupancy_flag 
_pdbx_unobs_or_zero_occ_residues.auth_asym_id 
_pdbx_unobs_or_zero_occ_residues.auth_comp_id 
_pdbx_unobs_or_zero_occ_residues.auth_seq_id 
_pdbx_unobs_or_zero_occ_residues.PDB_ins_code 
_pdbx_unobs_or_zero_occ_residues.label_asym_id 
_pdbx_unobs_or_zero_occ_residues.label_comp_id 
_pdbx_unobs_or_zero_occ_residues.label_seq_id 
1  1 Y 1 A MET 1   ? A MET 1   
2  1 Y 1 A THR 2   ? A THR 2   
3  1 Y 1 A GLN 3   ? A GLN 3   
4  1 Y 1 A LYS 30  ? A LYS 30  
5  1 Y 1 A ALA 31  ? A ALA 31  
6  1 Y 1 A GLU 71  ? A GLU 71  
7  1 Y 1 A GLY 72  ? A GLY 72  
8  1 Y 1 A ARG 73  ? A ARG 73  
9  1 Y 1 A GLU 76  ? A GLU 76  
10 1 Y 1 A THR 77  ? A THR 77  
11 1 Y 1 A LYS 102 ? A LYS 102 
# 
loop_
_chem_comp_atom.comp_id 
_chem_comp_atom.atom_id 
_chem_comp_atom.type_symbol 
_chem_comp_atom.pdbx_aromatic_flag 
_chem_comp_atom.pdbx_stereo_config 
_chem_comp_atom.pdbx_ordinal 
ALA N    N N N 1   
ALA CA   C N S 2   
ALA C    C N N 3   
ALA O    O N N 4   
ALA CB   C N N 5   
ALA OXT  O N N 6   
ALA H    H N N 7   
ALA H2   H N N 8   
ALA HA   H N N 9   
ALA HB1  H N N 10  
ALA HB2  H N N 11  
ALA HB3  H N N 12  
ALA HXT  H N N 13  
ARG N    N N N 14  
ARG CA   C N S 15  
ARG C    C N N 16  
ARG O    O N N 17  
ARG CB   C N N 18  
ARG CG   C N N 19  
ARG CD   C N N 20  
ARG NE   N N N 21  
ARG CZ   C N N 22  
ARG NH1  N N N 23  
ARG NH2  N N N 24  
ARG OXT  O N N 25  
ARG H    H N N 26  
ARG H2   H N N 27  
ARG HA   H N N 28  
ARG HB2  H N N 29  
ARG HB3  H N N 30  
ARG HG2  H N N 31  
ARG HG3  H N N 32  
ARG HD2  H N N 33  
ARG HD3  H N N 34  
ARG HE   H N N 35  
ARG HH11 H N N 36  
ARG HH12 H N N 37  
ARG HH21 H N N 38  
ARG HH22 H N N 39  
ARG HXT  H N N 40  
ASN N    N N N 41  
ASN CA   C N S 42  
ASN C    C N N 43  
ASN O    O N N 44  
ASN CB   C N N 45  
ASN CG   C N N 46  
ASN OD1  O N N 47  
ASN ND2  N N N 48  
ASN OXT  O N N 49  
ASN H    H N N 50  
ASN H2   H N N 51  
ASN HA   H N N 52  
ASN HB2  H N N 53  
ASN HB3  H N N 54  
ASN HD21 H N N 55  
ASN HD22 H N N 56  
ASN HXT  H N N 57  
ASP N    N N N 58  
ASP CA   C N S 59  
ASP C    C N N 60  
ASP O    O N N 61  
ASP CB   C N N 62  
ASP CG   C N N 63  
ASP OD1  O N N 64  
ASP OD2  O N N 65  
ASP OXT  O N N 66  
ASP H    H N N 67  
ASP H2   H N N 68  
ASP HA   H N N 69  
ASP HB2  H N N 70  
ASP HB3  H N N 71  
ASP HD2  H N N 72  
ASP HXT  H N N 73  
CYS N    N N N 74  
CYS CA   C N R 75  
CYS C    C N N 76  
CYS O    O N N 77  
CYS CB   C N N 78  
CYS SG   S N N 79  
CYS OXT  O N N 80  
CYS H    H N N 81  
CYS H2   H N N 82  
CYS HA   H N N 83  
CYS HB2  H N N 84  
CYS HB3  H N N 85  
CYS HG   H N N 86  
CYS HXT  H N N 87  
GLN N    N N N 88  
GLN CA   C N S 89  
GLN C    C N N 90  
GLN O    O N N 91  
GLN CB   C N N 92  
GLN CG   C N N 93  
GLN CD   C N N 94  
GLN OE1  O N N 95  
GLN NE2  N N N 96  
GLN OXT  O N N 97  
GLN H    H N N 98  
GLN H2   H N N 99  
GLN HA   H N N 100 
GLN HB2  H N N 101 
GLN HB3  H N N 102 
GLN HG2  H N N 103 
GLN HG3  H N N 104 
GLN HE21 H N N 105 
GLN HE22 H N N 106 
GLN HXT  H N N 107 
GLU N    N N N 108 
GLU CA   C N S 109 
GLU C    C N N 110 
GLU O    O N N 111 
GLU CB   C N N 112 
GLU CG   C N N 113 
GLU CD   C N N 114 
GLU OE1  O N N 115 
GLU OE2  O N N 116 
GLU OXT  O N N 117 
GLU H    H N N 118 
GLU H2   H N N 119 
GLU HA   H N N 120 
GLU HB2  H N N 121 
GLU HB3  H N N 122 
GLU HG2  H N N 123 
GLU HG3  H N N 124 
GLU HE2  H N N 125 
GLU HXT  H N N 126 
GLY N    N N N 127 
GLY CA   C N N 128 
GLY C    C N N 129 
GLY O    O N N 130 
GLY OXT  O N N 131 
GLY H    H N N 132 
GLY H2   H N N 133 
GLY HA2  H N N 134 
GLY HA3  H N N 135 
GLY HXT  H N N 136 
HIS N    N N N 137 
HIS CA   C N S 138 
HIS C    C N N 139 
HIS O    O N N 140 
HIS CB   C N N 141 
HIS CG   C Y N 142 
HIS ND1  N Y N 143 
HIS CD2  C Y N 144 
HIS CE1  C Y N 145 
HIS NE2  N Y N 146 
HIS OXT  O N N 147 
HIS H    H N N 148 
HIS H2   H N N 149 
HIS HA   H N N 150 
HIS HB2  H N N 151 
HIS HB3  H N N 152 
HIS HD1  H N N 153 
HIS HD2  H N N 154 
HIS HE1  H N N 155 
HIS HE2  H N N 156 
HIS HXT  H N N 157 
HOH O    O N N 158 
HOH H1   H N N 159 
HOH H2   H N N 160 
ILE N    N N N 161 
ILE CA   C N S 162 
ILE C    C N N 163 
ILE O    O N N 164 
ILE CB   C N S 165 
ILE CG1  C N N 166 
ILE CG2  C N N 167 
ILE CD1  C N N 168 
ILE OXT  O N N 169 
ILE H    H N N 170 
ILE H2   H N N 171 
ILE HA   H N N 172 
ILE HB   H N N 173 
ILE HG12 H N N 174 
ILE HG13 H N N 175 
ILE HG21 H N N 176 
ILE HG22 H N N 177 
ILE HG23 H N N 178 
ILE HD11 H N N 179 
ILE HD12 H N N 180 
ILE HD13 H N N 181 
ILE HXT  H N N 182 
LEU N    N N N 183 
LEU CA   C N S 184 
LEU C    C N N 185 
LEU O    O N N 186 
LEU CB   C N N 187 
LEU CG   C N N 188 
LEU CD1  C N N 189 
LEU CD2  C N N 190 
LEU OXT  O N N 191 
LEU H    H N N 192 
LEU H2   H N N 193 
LEU HA   H N N 194 
LEU HB2  H N N 195 
LEU HB3  H N N 196 
LEU HG   H N N 197 
LEU HD11 H N N 198 
LEU HD12 H N N 199 
LEU HD13 H N N 200 
LEU HD21 H N N 201 
LEU HD22 H N N 202 
LEU HD23 H N N 203 
LEU HXT  H N N 204 
LYS N    N N N 205 
LYS CA   C N S 206 
LYS C    C N N 207 
LYS O    O N N 208 
LYS CB   C N N 209 
LYS CG   C N N 210 
LYS CD   C N N 211 
LYS CE   C N N 212 
LYS NZ   N N N 213 
LYS OXT  O N N 214 
LYS H    H N N 215 
LYS H2   H N N 216 
LYS HA   H N N 217 
LYS HB2  H N N 218 
LYS HB3  H N N 219 
LYS HG2  H N N 220 
LYS HG3  H N N 221 
LYS HD2  H N N 222 
LYS HD3  H N N 223 
LYS HE2  H N N 224 
LYS HE3  H N N 225 
LYS HZ1  H N N 226 
LYS HZ2  H N N 227 
LYS HZ3  H N N 228 
LYS HXT  H N N 229 
MET N    N N N 230 
MET CA   C N S 231 
MET C    C N N 232 
MET O    O N N 233 
MET CB   C N N 234 
MET CG   C N N 235 
MET SD   S N N 236 
MET CE   C N N 237 
MET OXT  O N N 238 
MET H    H N N 239 
MET H2   H N N 240 
MET HA   H N N 241 
MET HB2  H N N 242 
MET HB3  H N N 243 
MET HG2  H N N 244 
MET HG3  H N N 245 
MET HE1  H N N 246 
MET HE2  H N N 247 
MET HE3  H N N 248 
MET HXT  H N N 249 
PHE N    N N N 250 
PHE CA   C N S 251 
PHE C    C N N 252 
PHE O    O N N 253 
PHE CB   C N N 254 
PHE CG   C Y N 255 
PHE CD1  C Y N 256 
PHE CD2  C Y N 257 
PHE CE1  C Y N 258 
PHE CE2  C Y N 259 
PHE CZ   C Y N 260 
PHE OXT  O N N 261 
PHE H    H N N 262 
PHE H2   H N N 263 
PHE HA   H N N 264 
PHE HB2  H N N 265 
PHE HB3  H N N 266 
PHE HD1  H N N 267 
PHE HD2  H N N 268 
PHE HE1  H N N 269 
PHE HE2  H N N 270 
PHE HZ   H N N 271 
PHE HXT  H N N 272 
PRO N    N N N 273 
PRO CA   C N S 274 
PRO C    C N N 275 
PRO O    O N N 276 
PRO CB   C N N 277 
PRO CG   C N N 278 
PRO CD   C N N 279 
PRO OXT  O N N 280 
PRO H    H N N 281 
PRO HA   H N N 282 
PRO HB2  H N N 283 
PRO HB3  H N N 284 
PRO HG2  H N N 285 
PRO HG3  H N N 286 
PRO HD2  H N N 287 
PRO HD3  H N N 288 
PRO HXT  H N N 289 
SER N    N N N 290 
SER CA   C N S 291 
SER C    C N N 292 
SER O    O N N 293 
SER CB   C N N 294 
SER OG   O N N 295 
SER OXT  O N N 296 
SER H    H N N 297 
SER H2   H N N 298 
SER HA   H N N 299 
SER HB2  H N N 300 
SER HB3  H N N 301 
SER HG   H N N 302 
SER HXT  H N N 303 
THR N    N N N 304 
THR CA   C N S 305 
THR C    C N N 306 
THR O    O N N 307 
THR CB   C N R 308 
THR OG1  O N N 309 
THR CG2  C N N 310 
THR OXT  O N N 311 
THR H    H N N 312 
THR H2   H N N 313 
THR HA   H N N 314 
THR HB   H N N 315 
THR HG1  H N N 316 
THR HG21 H N N 317 
THR HG22 H N N 318 
THR HG23 H N N 319 
THR HXT  H N N 320 
TYR N    N N N 321 
TYR CA   C N S 322 
TYR C    C N N 323 
TYR O    O N N 324 
TYR CB   C N N 325 
TYR CG   C Y N 326 
TYR CD1  C Y N 327 
TYR CD2  C Y N 328 
TYR CE1  C Y N 329 
TYR CE2  C Y N 330 
TYR CZ   C Y N 331 
TYR OH   O N N 332 
TYR OXT  O N N 333 
TYR H    H N N 334 
TYR H2   H N N 335 
TYR HA   H N N 336 
TYR HB2  H N N 337 
TYR HB3  H N N 338 
TYR HD1  H N N 339 
TYR HD2  H N N 340 
TYR HE1  H N N 341 
TYR HE2  H N N 342 
TYR HH   H N N 343 
TYR HXT  H N N 344 
VAL N    N N N 345 
VAL CA   C N S 346 
VAL C    C N N 347 
VAL O    O N N 348 
VAL CB   C N N 349 
VAL CG1  C N N 350 
VAL CG2  C N N 351 
VAL OXT  O N N 352 
VAL H    H N N 353 
VAL H2   H N N 354 
VAL HA   H N N 355 
VAL HB   H N N 356 
VAL HG11 H N N 357 
VAL HG12 H N N 358 
VAL HG13 H N N 359 
VAL HG21 H N N 360 
VAL HG22 H N N 361 
VAL HG23 H N N 362 
VAL HXT  H N N 363 
# 
loop_
_chem_comp_bond.comp_id 
_chem_comp_bond.atom_id_1 
_chem_comp_bond.atom_id_2 
_chem_comp_bond.value_order 
_chem_comp_bond.pdbx_aromatic_flag 
_chem_comp_bond.pdbx_stereo_config 
_chem_comp_bond.pdbx_ordinal 
ALA N   CA   sing N N 1   
ALA N   H    sing N N 2   
ALA N   H2   sing N N 3   
ALA CA  C    sing N N 4   
ALA CA  CB   sing N N 5   
ALA CA  HA   sing N N 6   
ALA C   O    doub N N 7   
ALA C   OXT  sing N N 8   
ALA CB  HB1  sing N N 9   
ALA CB  HB2  sing N N 10  
ALA CB  HB3  sing N N 11  
ALA OXT HXT  sing N N 12  
ARG N   CA   sing N N 13  
ARG N   H    sing N N 14  
ARG N   H2   sing N N 15  
ARG CA  C    sing N N 16  
ARG CA  CB   sing N N 17  
ARG CA  HA   sing N N 18  
ARG C   O    doub N N 19  
ARG C   OXT  sing N N 20  
ARG CB  CG   sing N N 21  
ARG CB  HB2  sing N N 22  
ARG CB  HB3  sing N N 23  
ARG CG  CD   sing N N 24  
ARG CG  HG2  sing N N 25  
ARG CG  HG3  sing N N 26  
ARG CD  NE   sing N N 27  
ARG CD  HD2  sing N N 28  
ARG CD  HD3  sing N N 29  
ARG NE  CZ   sing N N 30  
ARG NE  HE   sing N N 31  
ARG CZ  NH1  sing N N 32  
ARG CZ  NH2  doub N N 33  
ARG NH1 HH11 sing N N 34  
ARG NH1 HH12 sing N N 35  
ARG NH2 HH21 sing N N 36  
ARG NH2 HH22 sing N N 37  
ARG OXT HXT  sing N N 38  
ASN N   CA   sing N N 39  
ASN N   H    sing N N 40  
ASN N   H2   sing N N 41  
ASN CA  C    sing N N 42  
ASN CA  CB   sing N N 43  
ASN CA  HA   sing N N 44  
ASN C   O    doub N N 45  
ASN C   OXT  sing N N 46  
ASN CB  CG   sing N N 47  
ASN CB  HB2  sing N N 48  
ASN CB  HB3  sing N N 49  
ASN CG  OD1  doub N N 50  
ASN CG  ND2  sing N N 51  
ASN ND2 HD21 sing N N 52  
ASN ND2 HD22 sing N N 53  
ASN OXT HXT  sing N N 54  
ASP N   CA   sing N N 55  
ASP N   H    sing N N 56  
ASP N   H2   sing N N 57  
ASP CA  C    sing N N 58  
ASP CA  CB   sing N N 59  
ASP CA  HA   sing N N 60  
ASP C   O    doub N N 61  
ASP C   OXT  sing N N 62  
ASP CB  CG   sing N N 63  
ASP CB  HB2  sing N N 64  
ASP CB  HB3  sing N N 65  
ASP CG  OD1  doub N N 66  
ASP CG  OD2  sing N N 67  
ASP OD2 HD2  sing N N 68  
ASP OXT HXT  sing N N 69  
CYS N   CA   sing N N 70  
CYS N   H    sing N N 71  
CYS N   H2   sing N N 72  
CYS CA  C    sing N N 73  
CYS CA  CB   sing N N 74  
CYS CA  HA   sing N N 75  
CYS C   O    doub N N 76  
CYS C   OXT  sing N N 77  
CYS CB  SG   sing N N 78  
CYS CB  HB2  sing N N 79  
CYS CB  HB3  sing N N 80  
CYS SG  HG   sing N N 81  
CYS OXT HXT  sing N N 82  
GLN N   CA   sing N N 83  
GLN N   H    sing N N 84  
GLN N   H2   sing N N 85  
GLN CA  C    sing N N 86  
GLN CA  CB   sing N N 87  
GLN CA  HA   sing N N 88  
GLN C   O    doub N N 89  
GLN C   OXT  sing N N 90  
GLN CB  CG   sing N N 91  
GLN CB  HB2  sing N N 92  
GLN CB  HB3  sing N N 93  
GLN CG  CD   sing N N 94  
GLN CG  HG2  sing N N 95  
GLN CG  HG3  sing N N 96  
GLN CD  OE1  doub N N 97  
GLN CD  NE2  sing N N 98  
GLN NE2 HE21 sing N N 99  
GLN NE2 HE22 sing N N 100 
GLN OXT HXT  sing N N 101 
GLU N   CA   sing N N 102 
GLU N   H    sing N N 103 
GLU N   H2   sing N N 104 
GLU CA  C    sing N N 105 
GLU CA  CB   sing N N 106 
GLU CA  HA   sing N N 107 
GLU C   O    doub N N 108 
GLU C   OXT  sing N N 109 
GLU CB  CG   sing N N 110 
GLU CB  HB2  sing N N 111 
GLU CB  HB3  sing N N 112 
GLU CG  CD   sing N N 113 
GLU CG  HG2  sing N N 114 
GLU CG  HG3  sing N N 115 
GLU CD  OE1  doub N N 116 
GLU CD  OE2  sing N N 117 
GLU OE2 HE2  sing N N 118 
GLU OXT HXT  sing N N 119 
GLY N   CA   sing N N 120 
GLY N   H    sing N N 121 
GLY N   H2   sing N N 122 
GLY CA  C    sing N N 123 
GLY CA  HA2  sing N N 124 
GLY CA  HA3  sing N N 125 
GLY C   O    doub N N 126 
GLY C   OXT  sing N N 127 
GLY OXT HXT  sing N N 128 
HIS N   CA   sing N N 129 
HIS N   H    sing N N 130 
HIS N   H2   sing N N 131 
HIS CA  C    sing N N 132 
HIS CA  CB   sing N N 133 
HIS CA  HA   sing N N 134 
HIS C   O    doub N N 135 
HIS C   OXT  sing N N 136 
HIS CB  CG   sing N N 137 
HIS CB  HB2  sing N N 138 
HIS CB  HB3  sing N N 139 
HIS CG  ND1  sing Y N 140 
HIS CG  CD2  doub Y N 141 
HIS ND1 CE1  doub Y N 142 
HIS ND1 HD1  sing N N 143 
HIS CD2 NE2  sing Y N 144 
HIS CD2 HD2  sing N N 145 
HIS CE1 NE2  sing Y N 146 
HIS CE1 HE1  sing N N 147 
HIS NE2 HE2  sing N N 148 
HIS OXT HXT  sing N N 149 
HOH O   H1   sing N N 150 
HOH O   H2   sing N N 151 
ILE N   CA   sing N N 152 
ILE N   H    sing N N 153 
ILE N   H2   sing N N 154 
ILE CA  C    sing N N 155 
ILE CA  CB   sing N N 156 
ILE CA  HA   sing N N 157 
ILE C   O    doub N N 158 
ILE C   OXT  sing N N 159 
ILE CB  CG1  sing N N 160 
ILE CB  CG2  sing N N 161 
ILE CB  HB   sing N N 162 
ILE CG1 CD1  sing N N 163 
ILE CG1 HG12 sing N N 164 
ILE CG1 HG13 sing N N 165 
ILE CG2 HG21 sing N N 166 
ILE CG2 HG22 sing N N 167 
ILE CG2 HG23 sing N N 168 
ILE CD1 HD11 sing N N 169 
ILE CD1 HD12 sing N N 170 
ILE CD1 HD13 sing N N 171 
ILE OXT HXT  sing N N 172 
LEU N   CA   sing N N 173 
LEU N   H    sing N N 174 
LEU N   H2   sing N N 175 
LEU CA  C    sing N N 176 
LEU CA  CB   sing N N 177 
LEU CA  HA   sing N N 178 
LEU C   O    doub N N 179 
LEU C   OXT  sing N N 180 
LEU CB  CG   sing N N 181 
LEU CB  HB2  sing N N 182 
LEU CB  HB3  sing N N 183 
LEU CG  CD1  sing N N 184 
LEU CG  CD2  sing N N 185 
LEU CG  HG   sing N N 186 
LEU CD1 HD11 sing N N 187 
LEU CD1 HD12 sing N N 188 
LEU CD1 HD13 sing N N 189 
LEU CD2 HD21 sing N N 190 
LEU CD2 HD22 sing N N 191 
LEU CD2 HD23 sing N N 192 
LEU OXT HXT  sing N N 193 
LYS N   CA   sing N N 194 
LYS N   H    sing N N 195 
LYS N   H2   sing N N 196 
LYS CA  C    sing N N 197 
LYS CA  CB   sing N N 198 
LYS CA  HA   sing N N 199 
LYS C   O    doub N N 200 
LYS C   OXT  sing N N 201 
LYS CB  CG   sing N N 202 
LYS CB  HB2  sing N N 203 
LYS CB  HB3  sing N N 204 
LYS CG  CD   sing N N 205 
LYS CG  HG2  sing N N 206 
LYS CG  HG3  sing N N 207 
LYS CD  CE   sing N N 208 
LYS CD  HD2  sing N N 209 
LYS CD  HD3  sing N N 210 
LYS CE  NZ   sing N N 211 
LYS CE  HE2  sing N N 212 
LYS CE  HE3  sing N N 213 
LYS NZ  HZ1  sing N N 214 
LYS NZ  HZ2  sing N N 215 
LYS NZ  HZ3  sing N N 216 
LYS OXT HXT  sing N N 217 
MET N   CA   sing N N 218 
MET N   H    sing N N 219 
MET N   H2   sing N N 220 
MET CA  C    sing N N 221 
MET CA  CB   sing N N 222 
MET CA  HA   sing N N 223 
MET C   O    doub N N 224 
MET C   OXT  sing N N 225 
MET CB  CG   sing N N 226 
MET CB  HB2  sing N N 227 
MET CB  HB3  sing N N 228 
MET CG  SD   sing N N 229 
MET CG  HG2  sing N N 230 
MET CG  HG3  sing N N 231 
MET SD  CE   sing N N 232 
MET CE  HE1  sing N N 233 
MET CE  HE2  sing N N 234 
MET CE  HE3  sing N N 235 
MET OXT HXT  sing N N 236 
PHE N   CA   sing N N 237 
PHE N   H    sing N N 238 
PHE N   H2   sing N N 239 
PHE CA  C    sing N N 240 
PHE CA  CB   sing N N 241 
PHE CA  HA   sing N N 242 
PHE C   O    doub N N 243 
PHE C   OXT  sing N N 244 
PHE CB  CG   sing N N 245 
PHE CB  HB2  sing N N 246 
PHE CB  HB3  sing N N 247 
PHE CG  CD1  doub Y N 248 
PHE CG  CD2  sing Y N 249 
PHE CD1 CE1  sing Y N 250 
PHE CD1 HD1  sing N N 251 
PHE CD2 CE2  doub Y N 252 
PHE CD2 HD2  sing N N 253 
PHE CE1 CZ   doub Y N 254 
PHE CE1 HE1  sing N N 255 
PHE CE2 CZ   sing Y N 256 
PHE CE2 HE2  sing N N 257 
PHE CZ  HZ   sing N N 258 
PHE OXT HXT  sing N N 259 
PRO N   CA   sing N N 260 
PRO N   CD   sing N N 261 
PRO N   H    sing N N 262 
PRO CA  C    sing N N 263 
PRO CA  CB   sing N N 264 
PRO CA  HA   sing N N 265 
PRO C   O    doub N N 266 
PRO C   OXT  sing N N 267 
PRO CB  CG   sing N N 268 
PRO CB  HB2  sing N N 269 
PRO CB  HB3  sing N N 270 
PRO CG  CD   sing N N 271 
PRO CG  HG2  sing N N 272 
PRO CG  HG3  sing N N 273 
PRO CD  HD2  sing N N 274 
PRO CD  HD3  sing N N 275 
PRO OXT HXT  sing N N 276 
SER N   CA   sing N N 277 
SER N   H    sing N N 278 
SER N   H2   sing N N 279 
SER CA  C    sing N N 280 
SER CA  CB   sing N N 281 
SER CA  HA   sing N N 282 
SER C   O    doub N N 283 
SER C   OXT  sing N N 284 
SER CB  OG   sing N N 285 
SER CB  HB2  sing N N 286 
SER CB  HB3  sing N N 287 
SER OG  HG   sing N N 288 
SER OXT HXT  sing N N 289 
THR N   CA   sing N N 290 
THR N   H    sing N N 291 
THR N   H2   sing N N 292 
THR CA  C    sing N N 293 
THR CA  CB   sing N N 294 
THR CA  HA   sing N N 295 
THR C   O    doub N N 296 
THR C   OXT  sing N N 297 
THR CB  OG1  sing N N 298 
THR CB  CG2  sing N N 299 
THR CB  HB   sing N N 300 
THR OG1 HG1  sing N N 301 
THR CG2 HG21 sing N N 302 
THR CG2 HG22 sing N N 303 
THR CG2 HG23 sing N N 304 
THR OXT HXT  sing N N 305 
TYR N   CA   sing N N 306 
TYR N   H    sing N N 307 
TYR N   H2   sing N N 308 
TYR CA  C    sing N N 309 
TYR CA  CB   sing N N 310 
TYR CA  HA   sing N N 311 
TYR C   O    doub N N 312 
TYR C   OXT  sing N N 313 
TYR CB  CG   sing N N 314 
TYR CB  HB2  sing N N 315 
TYR CB  HB3  sing N N 316 
TYR CG  CD1  doub Y N 317 
TYR CG  CD2  sing Y N 318 
TYR CD1 CE1  sing Y N 319 
TYR CD1 HD1  sing N N 320 
TYR CD2 CE2  doub Y N 321 
TYR CD2 HD2  sing N N 322 
TYR CE1 CZ   doub Y N 323 
TYR CE1 HE1  sing N N 324 
TYR CE2 CZ   sing Y N 325 
TYR CE2 HE2  sing N N 326 
TYR CZ  OH   sing N N 327 
TYR OH  HH   sing N N 328 
TYR OXT HXT  sing N N 329 
VAL N   CA   sing N N 330 
VAL N   H    sing N N 331 
VAL N   H2   sing N N 332 
VAL CA  C    sing N N 333 
VAL CA  CB   sing N N 334 
VAL CA  HA   sing N N 335 
VAL C   O    doub N N 336 
VAL C   OXT  sing N N 337 
VAL CB  CG1  sing N N 338 
VAL CB  CG2  sing N N 339 
VAL CB  HB   sing N N 340 
VAL CG1 HG11 sing N N 341 
VAL CG1 HG12 sing N N 342 
VAL CG1 HG13 sing N N 343 
VAL CG2 HG21 sing N N 344 
VAL CG2 HG22 sing N N 345 
VAL CG2 HG23 sing N N 346 
VAL OXT HXT  sing N N 347 
# 
_atom_sites.entry_id                    1R5Q 
_atom_sites.fract_transf_matrix[1][1]   -0.00076782 
_atom_sites.fract_transf_matrix[1][2]   -0.01773738 
_atom_sites.fract_transf_matrix[1][3]   0.00953383 
_atom_sites.fract_transf_matrix[2][1]   0.00590414 
_atom_sites.fract_transf_matrix[2][2]   -0.00137321 
_atom_sites.fract_transf_matrix[2][3]   0.01921870 
_atom_sites.fract_transf_matrix[3][1]   -0.00677792 
_atom_sites.fract_transf_matrix[3][2]   0.00146902 
_atom_sites.fract_transf_matrix[3][3]   0.00218719 
_atom_sites.fract_transf_vector[1]      0.500493 
_atom_sites.fract_transf_vector[2]      0.874841 
_atom_sites.fract_transf_vector[3]      0.174932 
# 
loop_
_atom_type.symbol 
C 
N 
O 
S 
# 
loop_
_atom_site.group_PDB 
_atom_site.id 
_atom_site.type_symbol 
_atom_site.label_atom_id 
_atom_site.label_alt_id 
_atom_site.label_comp_id 
_atom_site.label_asym_id 
_atom_site.label_entity_id 
_atom_site.label_seq_id 
_atom_site.pdbx_PDB_ins_code 
_atom_site.Cartn_x 
_atom_site.Cartn_y 
_atom_site.Cartn_z 
_atom_site.occupancy 
_atom_site.B_iso_or_equiv 
_atom_site.pdbx_formal_charge 
_atom_site.auth_seq_id 
_atom_site.auth_comp_id 
_atom_site.auth_asym_id 
_atom_site.auth_atom_id 
_atom_site.pdbx_PDB_model_num 
ATOM   1   N N   . GLU A 1 4   ? 5.822   -16.564 -16.495 1.00 68.13 ? 4   GLU A N   1 
ATOM   2   C CA  . GLU A 1 4   ? 4.908   -15.715 -15.677 1.00 67.87 ? 4   GLU A CA  1 
ATOM   3   C C   . GLU A 1 4   ? 3.582   -16.410 -15.385 1.00 66.76 ? 4   GLU A C   1 
ATOM   4   O O   . GLU A 1 4   ? 2.609   -16.263 -16.124 1.00 67.01 ? 4   GLU A O   1 
ATOM   5   C CB  . GLU A 1 4   ? 4.642   -14.388 -16.388 1.00 68.84 ? 4   GLU A CB  1 
ATOM   6   C CG  . GLU A 1 4   ? 5.889   -13.553 -16.659 1.00 69.65 ? 4   GLU A CG  1 
ATOM   7   C CD  . GLU A 1 4   ? 6.768   -13.385 -15.431 1.00 70.16 ? 4   GLU A CD  1 
ATOM   8   O OE1 . GLU A 1 4   ? 7.616   -14.275 -15.179 1.00 70.16 ? 4   GLU A OE1 1 
ATOM   9   O OE2 . GLU A 1 4   ? 6.607   -12.367 -14.716 1.00 70.16 ? 4   GLU A OE2 1 
ATOM   10  N N   . VAL A 1 5   ? 3.555   -17.150 -14.283 1.00 65.66 ? 5   VAL A N   1 
ATOM   11  C CA  . VAL A 1 5   ? 2.372   -17.891 -13.869 1.00 63.50 ? 5   VAL A CA  1 
ATOM   12  C C   . VAL A 1 5   ? 1.051   -17.119 -13.741 1.00 61.79 ? 5   VAL A C   1 
ATOM   13  O O   . VAL A 1 5   ? 0.121   -17.407 -14.492 1.00 62.09 ? 5   VAL A O   1 
ATOM   14  C CB  . VAL A 1 5   ? 2.642   -18.635 -12.544 1.00 64.03 ? 5   VAL A CB  1 
ATOM   15  C CG1 . VAL A 1 5   ? 3.543   -19.845 -12.800 1.00 64.14 ? 5   VAL A CG1 1 
ATOM   16  C CG2 . VAL A 1 5   ? 3.306   -17.688 -11.546 1.00 63.43 ? 5   VAL A CG2 1 
ATOM   17  N N   . ASP A 1 6   ? 0.950   -16.142 -12.832 1.00 59.13 ? 6   ASP A N   1 
ATOM   18  C CA  . ASP A 1 6   ? -0.337  -15.439 -12.662 1.00 56.97 ? 6   ASP A CA  1 
ATOM   19  C C   . ASP A 1 6   ? -0.368  -14.099 -11.889 1.00 54.73 ? 6   ASP A C   1 
ATOM   20  O O   . ASP A 1 6   ? 0.624   -13.380 -11.810 1.00 53.89 ? 6   ASP A O   1 
ATOM   21  C CB  . ASP A 1 6   ? -1.332  -16.397 -11.999 1.00 56.93 ? 6   ASP A CB  1 
ATOM   22  C CG  . ASP A 1 6   ? -0.904  -16.786 -10.590 1.00 57.55 ? 6   ASP A CG  1 
ATOM   23  O OD1 . ASP A 1 6   ? -1.593  -17.615 -9.960  1.00 58.40 ? 6   ASP A OD1 1 
ATOM   24  O OD2 . ASP A 1 6   ? 0.125   -16.256 -10.109 1.00 57.05 ? 6   ASP A OD2 1 
ATOM   25  N N   . GLN A 1 7   ? -1.533  -13.790 -11.312 1.00 53.00 ? 7   GLN A N   1 
ATOM   26  C CA  . GLN A 1 7   ? -1.746  -12.541 -10.565 1.00 51.77 ? 7   GLN A CA  1 
ATOM   27  C C   . GLN A 1 7   ? -0.805  -12.340 -9.372  1.00 50.12 ? 7   GLN A C   1 
ATOM   28  O O   . GLN A 1 7   ? -0.428  -11.205 -9.047  1.00 49.32 ? 7   GLN A O   1 
ATOM   29  C CB  . GLN A 1 7   ? -3.204  -12.443 -10.081 1.00 51.47 ? 7   GLN A CB  1 
ATOM   30  C CG  . GLN A 1 7   ? -3.572  -13.406 -8.961  1.00 54.17 ? 7   GLN A CG  1 
ATOM   31  C CD  . GLN A 1 7   ? -5.054  -13.361 -8.591  1.00 56.04 ? 7   GLN A CD  1 
ATOM   32  O OE1 . GLN A 1 7   ? -5.476  -13.948 -7.589  1.00 57.52 ? 7   GLN A OE1 1 
ATOM   33  N NE2 . GLN A 1 7   ? -5.850  -12.668 -9.400  1.00 56.36 ? 7   GLN A NE2 1 
ATOM   34  N N   . GLN A 1 8   ? -0.427  -13.433 -8.720  1.00 48.03 ? 8   GLN A N   1 
ATOM   35  C CA  . GLN A 1 8   ? 0.462   -13.349 -7.574  1.00 46.79 ? 8   GLN A CA  1 
ATOM   36  C C   . GLN A 1 8   ? 1.791   -12.670 -7.882  1.00 45.15 ? 8   GLN A C   1 
ATOM   37  O O   . GLN A 1 8   ? 2.411   -12.104 -6.985  1.00 43.56 ? 8   GLN A O   1 
ATOM   38  C CB  . GLN A 1 8   ? 0.710   -14.742 -6.984  1.00 48.41 ? 8   GLN A CB  1 
ATOM   39  C CG  . GLN A 1 8   ? -0.497  -15.304 -6.237  1.00 51.36 ? 8   GLN A CG  1 
ATOM   40  C CD  . GLN A 1 8   ? -1.083  -14.312 -5.236  1.00 54.58 ? 8   GLN A CD  1 
ATOM   41  O OE1 . GLN A 1 8   ? -0.349  -13.596 -4.530  1.00 53.99 ? 8   GLN A OE1 1 
ATOM   42  N NE2 . GLN A 1 8   ? -2.414  -14.273 -5.157  1.00 56.02 ? 8   GLN A NE2 1 
ATOM   43  N N   . ILE A 1 9   ? 2.241   -12.727 -9.137  1.00 43.70 ? 9   ILE A N   1 
ATOM   44  C CA  . ILE A 1 9   ? 3.503   -12.076 -9.490  1.00 43.13 ? 9   ILE A CA  1 
ATOM   45  C C   . ILE A 1 9   ? 3.426   -10.580 -9.153  1.00 42.20 ? 9   ILE A C   1 
ATOM   46  O O   . ILE A 1 9   ? 4.311   -10.034 -8.494  1.00 42.20 ? 9   ILE A O   1 
ATOM   47  C CB  . ILE A 1 9   ? 3.851   -12.250 -10.995 1.00 43.69 ? 9   ILE A CB  1 
ATOM   48  C CG1 . ILE A 1 9   ? 4.267   -13.703 -11.260 1.00 46.05 ? 9   ILE A CG1 1 
ATOM   49  C CG2 . ILE A 1 9   ? 4.999   -11.303 -11.391 1.00 43.57 ? 9   ILE A CG2 1 
ATOM   50  C CD1 . ILE A 1 9   ? 4.797   -13.944 -12.661 1.00 46.70 ? 9   ILE A CD1 1 
ATOM   51  N N   . LEU A 1 10  ? 2.352   -9.928  -9.582  1.00 40.39 ? 10  LEU A N   1 
ATOM   52  C CA  . LEU A 1 10  ? 2.186   -8.504  -9.316  1.00 39.14 ? 10  LEU A CA  1 
ATOM   53  C C   . LEU A 1 10  ? 1.798   -8.220  -7.870  1.00 38.97 ? 10  LEU A C   1 
ATOM   54  O O   . LEU A 1 10  ? 2.327   -7.289  -7.256  1.00 38.94 ? 10  LEU A O   1 
ATOM   55  C CB  . LEU A 1 10  ? 1.141   -7.896  -10.252 1.00 37.82 ? 10  LEU A CB  1 
ATOM   56  C CG  . LEU A 1 10  ? 0.761   -6.455  -9.917  1.00 36.52 ? 10  LEU A CG  1 
ATOM   57  C CD1 . LEU A 1 10  ? 1.990   -5.542  -9.987  1.00 36.29 ? 10  LEU A CD1 1 
ATOM   58  C CD2 . LEU A 1 10  ? -0.328  -6.001  -10.891 1.00 37.19 ? 10  LEU A CD2 1 
ATOM   59  N N   . LEU A 1 11  ? 0.878   -9.012  -7.326  1.00 38.77 ? 11  LEU A N   1 
ATOM   60  C CA  . LEU A 1 11  ? 0.438   -8.795  -5.951  1.00 38.84 ? 11  LEU A CA  1 
ATOM   61  C C   . LEU A 1 11  ? 1.583   -8.894  -4.940  1.00 39.27 ? 11  LEU A C   1 
ATOM   62  O O   . LEU A 1 11  ? 1.538   -8.241  -3.887  1.00 36.96 ? 11  LEU A O   1 
ATOM   63  C CB  . LEU A 1 11  ? -0.684  -9.771  -5.570  1.00 38.47 ? 11  LEU A CB  1 
ATOM   64  C CG  . LEU A 1 11  ? -2.038  -9.617  -6.293  1.00 40.65 ? 11  LEU A CG  1 
ATOM   65  C CD1 . LEU A 1 11  ? -3.082  -10.570 -5.674  1.00 39.97 ? 11  LEU A CD1 1 
ATOM   66  C CD2 . LEU A 1 11  ? -2.527  -8.173  -6.177  1.00 39.35 ? 11  LEU A CD2 1 
ATOM   67  N N   . GLN A 1 12  ? 2.598   -9.710  -5.242  1.00 38.72 ? 12  GLN A N   1 
ATOM   68  C CA  . GLN A 1 12  ? 3.744   -9.843  -4.334  1.00 38.78 ? 12  GLN A CA  1 
ATOM   69  C C   . GLN A 1 12  ? 4.666   -8.640  -4.489  1.00 38.50 ? 12  GLN A C   1 
ATOM   70  O O   . GLN A 1 12  ? 5.247   -8.153  -3.505  1.00 38.00 ? 12  GLN A O   1 
ATOM   71  C CB  . GLN A 1 12  ? 4.520   -11.149 -4.594  1.00 42.03 ? 12  GLN A CB  1 
ATOM   72  C CG  . GLN A 1 12  ? 3.886   -12.378 -3.937  1.00 44.73 ? 12  GLN A CG  1 
ATOM   73  C CD  . GLN A 1 12  ? 3.606   -12.178 -2.443  1.00 48.31 ? 12  GLN A CD  1 
ATOM   74  O OE1 . GLN A 1 12  ? 2.454   -12.275 -1.987  1.00 50.54 ? 12  GLN A OE1 1 
ATOM   75  N NE2 . GLN A 1 12  ? 4.655   -11.895 -1.676  1.00 49.59 ? 12  GLN A NE2 1 
ATOM   76  N N   . GLN A 1 13  ? 4.800   -8.152  -5.718  1.00 36.91 ? 13  GLN A N   1 
ATOM   77  C CA  . GLN A 1 13  ? 5.622   -6.972  -5.963  1.00 38.44 ? 13  GLN A CA  1 
ATOM   78  C C   . GLN A 1 13  ? 4.968   -5.771  -5.246  1.00 37.89 ? 13  GLN A C   1 
ATOM   79  O O   . GLN A 1 13  ? 5.651   -4.961  -4.613  1.00 36.59 ? 13  GLN A O   1 
ATOM   80  C CB  . GLN A 1 13  ? 5.730   -6.689  -7.467  1.00 41.06 ? 13  GLN A CB  1 
ATOM   81  C CG  . GLN A 1 13  ? 6.559   -7.729  -8.246  1.00 48.31 ? 13  GLN A CG  1 
ATOM   82  C CD  . GLN A 1 13  ? 6.632   -7.459  -9.753  1.00 50.82 ? 13  GLN A CD  1 
ATOM   83  O OE1 . GLN A 1 13  ? 7.371   -8.132  -10.478 1.00 53.32 ? 13  GLN A OE1 1 
ATOM   84  N NE2 . GLN A 1 13  ? 5.858   -6.479  -10.227 1.00 53.13 ? 13  GLN A NE2 1 
ATOM   85  N N   . LEU A 1 14  ? 3.643   -5.659  -5.354  1.00 35.89 ? 14  LEU A N   1 
ATOM   86  C CA  . LEU A 1 14  ? 2.926   -4.564  -4.708  1.00 35.78 ? 14  LEU A CA  1 
ATOM   87  C C   . LEU A 1 14  ? 3.084   -4.628  -3.195  1.00 35.06 ? 14  LEU A C   1 
ATOM   88  O O   . LEU A 1 14  ? 3.263   -3.603  -2.548  1.00 35.33 ? 14  LEU A O   1 
ATOM   89  C CB  . LEU A 1 14  ? 1.442   -4.601  -5.090  1.00 35.33 ? 14  LEU A CB  1 
ATOM   90  C CG  . LEU A 1 14  ? 1.215   -4.227  -6.553  1.00 34.97 ? 14  LEU A CG  1 
ATOM   91  C CD1 . LEU A 1 14  ? -0.244  -4.472  -6.931  1.00 34.40 ? 14  LEU A CD1 1 
ATOM   92  C CD2 . LEU A 1 14  ? 1.609   -2.780  -6.764  1.00 36.59 ? 14  LEU A CD2 1 
ATOM   93  N N   . LYS A 1 15  ? 3.002   -5.827  -2.632  1.00 35.74 ? 15  LYS A N   1 
ATOM   94  C CA  . LYS A 1 15  ? 3.184   -5.988  -1.195  1.00 38.27 ? 15  LYS A CA  1 
ATOM   95  C C   . LYS A 1 15  ? 4.606   -5.513  -0.827  1.00 39.72 ? 15  LYS A C   1 
ATOM   96  O O   . LYS A 1 15  ? 4.809   -4.786  0.154   1.00 39.18 ? 15  LYS A O   1 
ATOM   97  C CB  . LYS A 1 15  ? 2.975   -7.455  -0.803  1.00 38.96 ? 15  LYS A CB  1 
ATOM   98  C CG  . LYS A 1 15  ? 3.268   -7.769  0.651   1.00 41.88 ? 15  LYS A CG  1 
ATOM   99  C CD  . LYS A 1 15  ? 2.584   -9.063  1.098   1.00 43.08 ? 15  LYS A CD  1 
ATOM   100 C CE  . LYS A 1 15  ? 2.959   -9.422  2.533   1.00 45.65 ? 15  LYS A CE  1 
ATOM   101 N NZ  . LYS A 1 15  ? 2.177   -10.597 3.040   1.00 47.18 ? 15  LYS A NZ  1 
ATOM   102 N N   . SER A 1 16  ? 5.584   -5.915  -1.630  1.00 39.37 ? 16  SER A N   1 
ATOM   103 C CA  . SER A 1 16  ? 6.956   -5.508  -1.387  1.00 40.82 ? 16  SER A CA  1 
ATOM   104 C C   . SER A 1 16  ? 7.064   -3.985  -1.417  1.00 39.33 ? 16  SER A C   1 
ATOM   105 O O   . SER A 1 16  ? 7.704   -3.391  -0.552  1.00 38.49 ? 16  SER A O   1 
ATOM   106 C CB  . SER A 1 16  ? 7.900   -6.123  -2.437  1.00 40.92 ? 16  SER A CB  1 
ATOM   107 O OG  . SER A 1 16  ? 9.125   -5.408  -2.481  1.00 44.07 ? 16  SER A OG  1 
ATOM   108 N N   . ASP A 1 17  ? 6.433   -3.360  -2.409  1.00 38.68 ? 17  ASP A N   1 
ATOM   109 C CA  . ASP A 1 17  ? 6.475   -1.903  -2.549  1.00 37.02 ? 17  ASP A CA  1 
ATOM   110 C C   . ASP A 1 17  ? 5.825   -1.183  -1.361  1.00 37.03 ? 17  ASP A C   1 
ATOM   111 O O   . ASP A 1 17  ? 6.340   -0.156  -0.886  1.00 36.45 ? 17  ASP A O   1 
ATOM   112 C CB  . ASP A 1 17  ? 5.769   -1.483  -3.841  1.00 39.18 ? 17  ASP A CB  1 
ATOM   113 C CG  . ASP A 1 17  ? 6.498   -1.967  -5.112  1.00 41.05 ? 17  ASP A CG  1 
ATOM   114 O OD1 . ASP A 1 17  ? 5.881   -1.920  -6.189  1.00 41.61 ? 17  ASP A OD1 1 
ATOM   115 O OD2 . ASP A 1 17  ? 7.679   -2.379  -5.040  1.00 41.82 ? 17  ASP A OD2 1 
ATOM   116 N N   . TYR A 1 18  ? 4.697   -1.727  -0.904  1.00 34.58 ? 18  TYR A N   1 
ATOM   117 C CA  . TYR A 1 18  ? 3.936   -1.159  0.202   1.00 35.22 ? 18  TYR A CA  1 
ATOM   118 C C   . TYR A 1 18  ? 4.742   -1.290  1.486   1.00 35.56 ? 18  TYR A C   1 
ATOM   119 O O   . TYR A 1 18  ? 4.691   -0.407  2.339   1.00 35.24 ? 18  TYR A O   1 
ATOM   120 C CB  . TYR A 1 18  ? 2.589   -1.881  0.370   1.00 34.58 ? 18  TYR A CB  1 
ATOM   121 C CG  . TYR A 1 18  ? 1.610   -1.154  1.285   1.00 33.96 ? 18  TYR A CG  1 
ATOM   122 C CD1 . TYR A 1 18  ? 0.958   0.002   0.857   1.00 34.08 ? 18  TYR A CD1 1 
ATOM   123 C CD2 . TYR A 1 18  ? 1.380   -1.593  2.595   1.00 32.67 ? 18  TYR A CD2 1 
ATOM   124 C CE1 . TYR A 1 18  ? 0.092   0.715   1.718   1.00 33.83 ? 18  TYR A CE1 1 
ATOM   125 C CE2 . TYR A 1 18  ? 0.531   -0.892  3.459   1.00 32.42 ? 18  TYR A CE2 1 
ATOM   126 C CZ  . TYR A 1 18  ? -0.113  0.264   3.004   1.00 31.55 ? 18  TYR A CZ  1 
ATOM   127 O OH  . TYR A 1 18  ? -0.968  0.949   3.826   1.00 33.22 ? 18  TYR A OH  1 
ATOM   128 N N   . ARG A 1 19  ? 5.477   -2.393  1.622   1.00 36.62 ? 19  ARG A N   1 
ATOM   129 C CA  . ARG A 1 19  ? 6.311   -2.605  2.812   1.00 38.14 ? 19  ARG A CA  1 
ATOM   130 C C   . ARG A 1 19  ? 7.303   -1.439  2.908   1.00 38.01 ? 19  ARG A C   1 
ATOM   131 O O   . ARG A 1 19  ? 7.468   -0.833  3.965   1.00 40.01 ? 19  ARG A O   1 
ATOM   132 C CB  . ARG A 1 19  ? 7.082   -3.933  2.717   1.00 39.93 ? 19  ARG A CB  1 
ATOM   133 C CG  . ARG A 1 19  ? 8.086   -4.125  3.861   1.00 41.67 ? 19  ARG A CG  1 
ATOM   134 C CD  . ARG A 1 19  ? 8.953   -5.368  3.687   1.00 45.66 ? 19  ARG A CD  1 
ATOM   135 N NE  . ARG A 1 19  ? 8.189   -6.602  3.831   1.00 46.56 ? 19  ARG A NE  1 
ATOM   136 C CZ  . ARG A 1 19  ? 7.924   -7.427  2.822   1.00 48.58 ? 19  ARG A CZ  1 
ATOM   137 N NH1 . ARG A 1 19  ? 8.373   -7.140  1.598   1.00 48.77 ? 19  ARG A NH1 1 
ATOM   138 N NH2 . ARG A 1 19  ? 7.212   -8.534  3.031   1.00 48.02 ? 19  ARG A NH2 1 
ATOM   139 N N   . GLN A 1 20  ? 7.963   -1.131  1.797   1.00 38.36 ? 20  GLN A N   1 
ATOM   140 C CA  . GLN A 1 20  ? 8.916   -0.027  1.770   1.00 39.08 ? 20  GLN A CA  1 
ATOM   141 C C   . GLN A 1 20  ? 8.248   1.334   2.072   1.00 38.76 ? 20  GLN A C   1 
ATOM   142 O O   . GLN A 1 20  ? 8.883   2.221   2.650   1.00 37.55 ? 20  GLN A O   1 
ATOM   143 C CB  . GLN A 1 20  ? 9.646   0.010   0.418   1.00 41.92 ? 20  GLN A CB  1 
ATOM   144 C CG  . GLN A 1 20  ? 10.660  -1.151  0.203   1.00 45.11 ? 20  GLN A CG  1 
ATOM   145 C CD  . GLN A 1 20  ? 11.599  -1.375  1.407   1.00 49.08 ? 20  GLN A CD  1 
ATOM   146 O OE1 . GLN A 1 20  ? 12.197  -0.428  1.939   1.00 49.94 ? 20  GLN A OE1 1 
ATOM   147 N NE2 . GLN A 1 20  ? 11.729  -2.639  1.839   1.00 49.45 ? 20  GLN A NE2 1 
ATOM   148 N N   . ILE A 1 21  ? 6.975   1.506   1.699   1.00 36.80 ? 21  ILE A N   1 
ATOM   149 C CA  . ILE A 1 21  ? 6.273   2.766   1.995   1.00 34.13 ? 21  ILE A CA  1 
ATOM   150 C C   . ILE A 1 21  ? 6.039   2.834   3.508   1.00 33.71 ? 21  ILE A C   1 
ATOM   151 O O   . ILE A 1 21  ? 6.280   3.866   4.150   1.00 33.69 ? 21  ILE A O   1 
ATOM   152 C CB  . ILE A 1 21  ? 4.893   2.856   1.251   1.00 36.15 ? 21  ILE A CB  1 
ATOM   153 C CG1 . ILE A 1 21  ? 5.129   3.064   -0.249  1.00 33.75 ? 21  ILE A CG1 1 
ATOM   154 C CG2 . ILE A 1 21  ? 4.029   4.020   1.842   1.00 33.82 ? 21  ILE A CG2 1 
ATOM   155 C CD1 . ILE A 1 21  ? 3.903   2.781   -1.131  1.00 35.87 ? 21  ILE A CD1 1 
ATOM   156 N N   . LEU A 1 22  ? 5.569   1.742   4.094   1.00 30.96 ? 22  LEU A N   1 
ATOM   157 C CA  . LEU A 1 22  ? 5.346   1.740   5.531   1.00 32.00 ? 22  LEU A CA  1 
ATOM   158 C C   . LEU A 1 22  ? 6.656   2.045   6.298   1.00 33.16 ? 22  LEU A C   1 
ATOM   159 O O   . LEU A 1 22  ? 6.675   2.899   7.170   1.00 32.55 ? 22  LEU A O   1 
ATOM   160 C CB  . LEU A 1 22  ? 4.809   0.381   5.988   1.00 30.94 ? 22  LEU A CB  1 
ATOM   161 C CG  . LEU A 1 22  ? 3.369   -0.001  5.606   1.00 32.52 ? 22  LEU A CG  1 
ATOM   162 C CD1 . LEU A 1 22  ? 3.118   -1.478  5.900   1.00 29.90 ? 22  LEU A CD1 1 
ATOM   163 C CD2 . LEU A 1 22  ? 2.388   0.879   6.369   1.00 30.67 ? 22  LEU A CD2 1 
ATOM   164 N N   . LEU A 1 23  ? 7.737   1.344   5.955   1.00 34.07 ? 23  LEU A N   1 
ATOM   165 C CA  . LEU A 1 23  ? 9.014   1.520   6.637   1.00 35.23 ? 23  LEU A CA  1 
ATOM   166 C C   . LEU A 1 23  ? 9.667   2.881   6.438   1.00 37.73 ? 23  LEU A C   1 
ATOM   167 O O   . LEU A 1 23  ? 10.582  3.251   7.182   1.00 38.36 ? 23  LEU A O   1 
ATOM   168 C CB  . LEU A 1 23  ? 9.984   0.403   6.231   1.00 36.08 ? 23  LEU A CB  1 
ATOM   169 C CG  . LEU A 1 23  ? 9.486   -1.000  6.629   1.00 35.42 ? 23  LEU A CG  1 
ATOM   170 C CD1 . LEU A 1 23  ? 10.510  -2.080  6.255   1.00 37.22 ? 23  LEU A CD1 1 
ATOM   171 C CD2 . LEU A 1 23  ? 9.203   -1.012  8.129   1.00 37.06 ? 23  LEU A CD2 1 
ATOM   172 N N   . SER A 1 24  ? 9.228   3.640   5.441   1.00 37.81 ? 24  SER A N   1 
ATOM   173 C CA  . SER A 1 24  ? 9.818   4.957   5.273   1.00 38.80 ? 24  SER A CA  1 
ATOM   174 C C   . SER A 1 24  ? 8.777   6.043   5.511   1.00 37.57 ? 24  SER A C   1 
ATOM   175 O O   . SER A 1 24  ? 9.086   7.230   5.410   1.00 38.25 ? 24  SER A O   1 
ATOM   176 C CB  . SER A 1 24  ? 10.388  5.106   3.872   1.00 40.42 ? 24  SER A CB  1 
ATOM   177 O OG  . SER A 1 24  ? 9.348   5.349   2.959   1.00 45.31 ? 24  SER A OG  1 
ATOM   178 N N   . TYR A 1 25  ? 7.553   5.643   5.860   1.00 35.06 ? 25  TYR A N   1 
ATOM   179 C CA  . TYR A 1 25  ? 6.474   6.610   6.033   1.00 34.66 ? 25  TYR A CA  1 
ATOM   180 C C   . TYR A 1 25  ? 6.677   7.704   7.074   1.00 35.63 ? 25  TYR A C   1 
ATOM   181 O O   . TYR A 1 25  ? 6.237   8.847   6.891   1.00 33.73 ? 25  TYR A O   1 
ATOM   182 C CB  . TYR A 1 25  ? 5.156   5.911   6.357   1.00 32.38 ? 25  TYR A CB  1 
ATOM   183 C CG  . TYR A 1 25  ? 3.978   6.847   6.159   1.00 32.84 ? 25  TYR A CG  1 
ATOM   184 C CD1 . TYR A 1 25  ? 3.499   7.132   4.871   1.00 31.50 ? 25  TYR A CD1 1 
ATOM   185 C CD2 . TYR A 1 25  ? 3.366   7.486   7.246   1.00 31.70 ? 25  TYR A CD2 1 
ATOM   186 C CE1 . TYR A 1 25  ? 2.457   8.025   4.671   1.00 28.48 ? 25  TYR A CE1 1 
ATOM   187 C CE2 . TYR A 1 25  ? 2.305   8.386   7.045   1.00 31.18 ? 25  TYR A CE2 1 
ATOM   188 C CZ  . TYR A 1 25  ? 1.869   8.647   5.755   1.00 29.92 ? 25  TYR A CZ  1 
ATOM   189 O OH  . TYR A 1 25  ? 0.879   9.568   5.542   1.00 31.10 ? 25  TYR A OH  1 
ATOM   190 N N   . PHE A 1 26  ? 7.303   7.350   8.186   1.00 36.61 ? 26  PHE A N   1 
ATOM   191 C CA  . PHE A 1 26  ? 7.518   8.333   9.226   1.00 38.73 ? 26  PHE A CA  1 
ATOM   192 C C   . PHE A 1 26  ? 8.933   8.908   9.209   1.00 42.69 ? 26  PHE A C   1 
ATOM   193 O O   . PHE A 1 26  ? 9.416   9.426   10.218  1.00 43.54 ? 26  PHE A O   1 
ATOM   194 C CB  . PHE A 1 26  ? 7.145   7.723   10.576  1.00 36.29 ? 26  PHE A CB  1 
ATOM   195 C CG  . PHE A 1 26  ? 5.662   7.459   10.718  1.00 34.46 ? 26  PHE A CG  1 
ATOM   196 C CD1 . PHE A 1 26  ? 4.758   8.521   10.729  1.00 31.93 ? 26  PHE A CD1 1 
ATOM   197 C CD2 . PHE A 1 26  ? 5.171   6.155   10.854  1.00 32.33 ? 26  PHE A CD2 1 
ATOM   198 C CE1 . PHE A 1 26  ? 3.385   8.291   10.883  1.00 32.72 ? 26  PHE A CE1 1 
ATOM   199 C CE2 . PHE A 1 26  ? 3.798   5.911   11.008  1.00 32.54 ? 26  PHE A CE2 1 
ATOM   200 C CZ  . PHE A 1 26  ? 2.900   6.983   11.026  1.00 31.26 ? 26  PHE A CZ  1 
ATOM   201 N N   . THR A 1 27  ? 9.576   8.818   8.044   1.00 45.58 ? 27  THR A N   1 
ATOM   202 C CA  . THR A 1 27  ? 10.915  9.361   7.807   1.00 50.25 ? 27  THR A CA  1 
ATOM   203 C C   . THR A 1 27  ? 10.714  10.529  6.831   1.00 53.79 ? 27  THR A C   1 
ATOM   204 O O   . THR A 1 27  ? 9.595   10.992  6.618   1.00 54.74 ? 27  THR A O   1 
ATOM   205 C CB  . THR A 1 27  ? 11.860  8.342   7.111   1.00 50.09 ? 27  THR A CB  1 
ATOM   206 O OG1 . THR A 1 27  ? 11.920  7.129   7.870   1.00 49.81 ? 27  THR A OG1 1 
ATOM   207 C CG2 . THR A 1 27  ? 13.284  8.909   7.006   1.00 51.00 ? 27  THR A CG2 1 
ATOM   208 N N   . THR A 1 28  ? 11.798  11.002  6.234   1.00 58.41 ? 28  THR A N   1 
ATOM   209 C CA  . THR A 1 28  ? 11.720  12.087  5.266   1.00 61.76 ? 28  THR A CA  1 
ATOM   210 C C   . THR A 1 28  ? 12.298  11.539  3.957   1.00 63.75 ? 28  THR A C   1 
ATOM   211 O O   . THR A 1 28  ? 13.445  11.089  3.929   1.00 64.49 ? 28  THR A O   1 
ATOM   212 C CB  . THR A 1 28  ? 12.518  13.306  5.761   1.00 62.51 ? 28  THR A CB  1 
ATOM   213 O OG1 . THR A 1 28  ? 13.851  12.898  6.101   1.00 63.93 ? 28  THR A OG1 1 
ATOM   214 C CG2 . THR A 1 28  ? 11.842  13.914  6.999   1.00 62.30 ? 28  THR A CG2 1 
ATOM   215 N N   . ASP A 1 29  ? 11.488  11.554  2.895   1.00 65.11 ? 29  ASP A N   1 
ATOM   216 C CA  . ASP A 1 29  ? 11.877  11.036  1.576   1.00 66.74 ? 29  ASP A CA  1 
ATOM   217 C C   . ASP A 1 29  ? 13.279  10.445  1.553   1.00 67.55 ? 29  ASP A C   1 
ATOM   218 O O   . ASP A 1 29  ? 13.386  9.201   1.559   1.00 68.94 ? 29  ASP A O   1 
ATOM   219 C CB  . ASP A 1 29  ? 11.803  12.130  0.503   1.00 67.09 ? 29  ASP A CB  1 
ATOM   220 C CG  . ASP A 1 29  ? 11.795  11.553  -0.917  1.00 67.54 ? 29  ASP A CG  1 
ATOM   221 O OD1 . ASP A 1 29  ? 12.471  10.526  -1.165  1.00 66.34 ? 29  ASP A OD1 1 
ATOM   222 O OD2 . ASP A 1 29  ? 11.110  12.132  -1.786  1.00 67.65 ? 29  ASP A OD2 1 
ATOM   223 N N   . LEU A 1 32  ? 9.829   9.387   -0.413  1.00 45.64 ? 32  LEU A N   1 
ATOM   224 C CA  . LEU A 1 32  ? 8.510   8.804   -0.025  1.00 45.76 ? 32  LEU A CA  1 
ATOM   225 C C   . LEU A 1 32  ? 7.379   9.141   -0.995  1.00 46.43 ? 32  LEU A C   1 
ATOM   226 O O   . LEU A 1 32  ? 6.554   8.285   -1.320  1.00 46.01 ? 32  LEU A O   1 
ATOM   227 C CB  . LEU A 1 32  ? 8.111   9.280   1.376   1.00 43.78 ? 32  LEU A CB  1 
ATOM   228 C CG  . LEU A 1 32  ? 6.757   8.778   1.903   1.00 42.91 ? 32  LEU A CG  1 
ATOM   229 C CD1 . LEU A 1 32  ? 6.770   7.265   2.017   1.00 41.79 ? 32  LEU A CD1 1 
ATOM   230 C CD2 . LEU A 1 32  ? 6.473   9.414   3.260   1.00 41.47 ? 32  LEU A CD2 1 
ATOM   231 N N   . LYS A 1 33  ? 7.335   10.390  -1.449  1.00 48.01 ? 33  LYS A N   1 
ATOM   232 C CA  . LYS A 1 33  ? 6.282   10.828  -2.360  1.00 50.20 ? 33  LYS A CA  1 
ATOM   233 C C   . LYS A 1 33  ? 6.242   10.003  -3.641  1.00 50.89 ? 33  LYS A C   1 
ATOM   234 O O   . LYS A 1 33  ? 5.171   9.601   -4.099  1.00 50.77 ? 33  LYS A O   1 
ATOM   235 C CB  . LYS A 1 33  ? 6.466   12.307  -2.702  1.00 52.09 ? 33  LYS A CB  1 
ATOM   236 C CG  . LYS A 1 33  ? 5.304   12.907  -3.472  1.00 53.69 ? 33  LYS A CG  1 
ATOM   237 C CD  . LYS A 1 33  ? 5.507   14.395  -3.689  1.00 55.71 ? 33  LYS A CD  1 
ATOM   238 C CE  . LYS A 1 33  ? 4.280   15.005  -4.322  1.00 56.83 ? 33  LYS A CE  1 
ATOM   239 N NZ  . LYS A 1 33  ? 3.864   14.206  -5.509  1.00 58.46 ? 33  LYS A NZ  1 
ATOM   240 N N   . GLU A 1 34  ? 7.416   9.740   -4.205  1.00 51.57 ? 34  GLU A N   1 
ATOM   241 C CA  . GLU A 1 34  ? 7.524   8.969   -5.436  1.00 51.71 ? 34  GLU A CA  1 
ATOM   242 C C   . GLU A 1 34  ? 7.171   7.506   -5.239  1.00 49.65 ? 34  GLU A C   1 
ATOM   243 O O   . GLU A 1 34  ? 6.621   6.874   -6.134  1.00 49.07 ? 34  GLU A O   1 
ATOM   244 C CB  . GLU A 1 34  ? 8.938   9.084   -6.013  1.00 54.82 ? 34  GLU A CB  1 
ATOM   245 C CG  . GLU A 1 34  ? 8.990   9.917   -7.286  1.00 59.55 ? 34  GLU A CG  1 
ATOM   246 C CD  . GLU A 1 34  ? 8.083   9.355   -8.374  1.00 62.35 ? 34  GLU A CD  1 
ATOM   247 O OE1 . GLU A 1 34  ? 8.400   8.262   -8.898  1.00 64.46 ? 34  GLU A OE1 1 
ATOM   248 O OE2 . GLU A 1 34  ? 7.052   9.999   -8.693  1.00 63.25 ? 34  GLU A OE2 1 
ATOM   249 N N   . LYS A 1 35  ? 7.503   6.959   -4.078  1.00 47.17 ? 35  LYS A N   1 
ATOM   250 C CA  . LYS A 1 35  ? 7.180   5.565   -3.813  1.00 45.64 ? 35  LYS A CA  1 
ATOM   251 C C   . LYS A 1 35  ? 5.664   5.408   -3.780  1.00 43.65 ? 35  LYS A C   1 
ATOM   252 O O   . LYS A 1 35  ? 5.119   4.446   -4.315  1.00 42.27 ? 35  LYS A O   1 
ATOM   253 C CB  . LYS A 1 35  ? 7.743   5.115   -2.466  1.00 46.95 ? 35  LYS A CB  1 
ATOM   254 C CG  . LYS A 1 35  ? 9.246   4.902   -2.430  1.00 49.12 ? 35  LYS A CG  1 
ATOM   255 C CD  . LYS A 1 35  ? 9.694   4.446   -1.032  1.00 51.12 ? 35  LYS A CD  1 
ATOM   256 C CE  . LYS A 1 35  ? 11.213  4.304   -0.960  1.00 53.19 ? 35  LYS A CE  1 
ATOM   257 N NZ  . LYS A 1 35  ? 11.690  4.055   0.424   1.00 55.11 ? 35  LYS A NZ  1 
ATOM   258 N N   . ILE A 1 36  ? 4.994   6.365   -3.150  1.00 41.83 ? 36  ILE A N   1 
ATOM   259 C CA  . ILE A 1 36  ? 3.544   6.336   -3.028  1.00 41.12 ? 36  ILE A CA  1 
ATOM   260 C C   . ILE A 1 36  ? 2.883   6.584   -4.375  1.00 41.65 ? 36  ILE A C   1 
ATOM   261 O O   . ILE A 1 36  ? 1.927   5.912   -4.731  1.00 39.77 ? 36  ILE A O   1 
ATOM   262 C CB  . ILE A 1 36  ? 3.036   7.397   -2.007  1.00 39.51 ? 36  ILE A CB  1 
ATOM   263 C CG1 . ILE A 1 36  ? 3.370   6.945   -0.576  1.00 38.64 ? 36  ILE A CG1 1 
ATOM   264 C CG2 . ILE A 1 36  ? 1.529   7.586   -2.142  1.00 38.69 ? 36  ILE A CG2 1 
ATOM   265 C CD1 . ILE A 1 36  ? 3.072   7.998   0.474   1.00 36.17 ? 36  ILE A CD1 1 
ATOM   266 N N   . ASP A 1 37  ? 3.401   7.550   -5.123  1.00 42.66 ? 37  ASP A N   1 
ATOM   267 C CA  . ASP A 1 37  ? 2.828   7.865   -6.422  1.00 43.91 ? 37  ASP A CA  1 
ATOM   268 C C   . ASP A 1 37  ? 2.923   6.666   -7.359  1.00 43.34 ? 37  ASP A C   1 
ATOM   269 O O   . ASP A 1 37  ? 1.987   6.374   -8.094  1.00 43.12 ? 37  ASP A O   1 
ATOM   270 C CB  . ASP A 1 37  ? 3.523   9.087   -7.035  1.00 46.37 ? 37  ASP A CB  1 
ATOM   271 C CG  . ASP A 1 37  ? 3.035   10.402  -6.429  1.00 50.16 ? 37  ASP A CG  1 
ATOM   272 O OD1 . ASP A 1 37  ? 1.823   10.515  -6.115  1.00 51.97 ? 37  ASP A OD1 1 
ATOM   273 O OD2 . ASP A 1 37  ? 3.857   11.335  -6.287  1.00 51.21 ? 37  ASP A OD2 1 
ATOM   274 N N   . LYS A 1 38  ? 4.042   5.955   -7.304  1.00 42.59 ? 38  LYS A N   1 
ATOM   275 C CA  . LYS A 1 38  ? 4.243   4.784   -8.156  1.00 42.78 ? 38  LYS A CA  1 
ATOM   276 C C   . LYS A 1 38  ? 3.349   3.611   -7.763  1.00 40.41 ? 38  LYS A C   1 
ATOM   277 O O   . LYS A 1 38  ? 2.833   2.902   -8.631  1.00 38.44 ? 38  LYS A O   1 
ATOM   278 C CB  . LYS A 1 38  ? 5.709   4.340   -8.117  1.00 45.69 ? 38  LYS A CB  1 
ATOM   279 C CG  . LYS A 1 38  ? 6.662   5.285   -8.822  1.00 50.14 ? 38  LYS A CG  1 
ATOM   280 C CD  . LYS A 1 38  ? 8.083   4.699   -8.874  1.00 53.42 ? 38  LYS A CD  1 
ATOM   281 C CE  . LYS A 1 38  ? 8.113   3.334   -9.571  1.00 55.57 ? 38  LYS A CE  1 
ATOM   282 N NZ  . LYS A 1 38  ? 9.507   2.775   -9.686  1.00 57.96 ? 38  LYS A NZ  1 
ATOM   283 N N   . PHE A 1 39  ? 3.191   3.398   -6.455  1.00 37.40 ? 39  PHE A N   1 
ATOM   284 C CA  . PHE A 1 39  ? 2.345   2.333   -5.929  1.00 35.81 ? 39  PHE A CA  1 
ATOM   285 C C   . PHE A 1 39  ? 0.899   2.616   -6.354  1.00 34.71 ? 39  PHE A C   1 
ATOM   286 O O   . PHE A 1 39  ? 0.175   1.719   -6.789  1.00 33.82 ? 39  PHE A O   1 
ATOM   287 C CB  . PHE A 1 39  ? 2.429   2.282   -4.380  1.00 34.77 ? 39  PHE A CB  1 
ATOM   288 C CG  . PHE A 1 39  ? 1.481   1.272   -3.741  1.00 32.47 ? 39  PHE A CG  1 
ATOM   289 C CD1 . PHE A 1 39  ? 1.815   -0.077  -3.678  1.00 30.29 ? 39  PHE A CD1 1 
ATOM   290 C CD2 . PHE A 1 39  ? 0.240   1.670   -3.244  1.00 31.90 ? 39  PHE A CD2 1 
ATOM   291 C CE1 . PHE A 1 39  ? 0.946   -1.003  -3.146  1.00 29.79 ? 39  PHE A CE1 1 
ATOM   292 C CE2 . PHE A 1 39  ? -0.651  0.737   -2.702  1.00 30.40 ? 39  PHE A CE2 1 
ATOM   293 C CZ  . PHE A 1 39  ? -0.301  -0.595  -2.654  1.00 31.39 ? 39  PHE A CZ  1 
ATOM   294 N N   . ILE A 1 40  ? 0.482   3.868   -6.218  1.00 32.97 ? 40  ILE A N   1 
ATOM   295 C CA  . ILE A 1 40  ? -0.879  4.244   -6.580  1.00 32.92 ? 40  ILE A CA  1 
ATOM   296 C C   . ILE A 1 40  ? -1.160  3.992   -8.073  1.00 33.57 ? 40  ILE A C   1 
ATOM   297 O O   . ILE A 1 40  ? -2.183  3.421   -8.437  1.00 31.33 ? 40  ILE A O   1 
ATOM   298 C CB  . ILE A 1 40  ? -1.138  5.727   -6.242  1.00 32.06 ? 40  ILE A CB  1 
ATOM   299 C CG1 . ILE A 1 40  ? -1.076  5.915   -4.714  1.00 32.49 ? 40  ILE A CG1 1 
ATOM   300 C CG2 . ILE A 1 40  ? -2.486  6.181   -6.800  1.00 31.56 ? 40  ILE A CG2 1 
ATOM   301 C CD1 . ILE A 1 40  ? -1.979  4.953   -3.908  1.00 32.73 ? 40  ILE A CD1 1 
ATOM   302 N N   . ASN A 1 41  ? -0.231  4.404   -8.923  1.00 34.51 ? 41  ASN A N   1 
ATOM   303 C CA  . ASN A 1 41  ? -0.413  4.231   -10.360 1.00 36.93 ? 41  ASN A CA  1 
ATOM   304 C C   . ASN A 1 41  ? -0.508  2.747   -10.739 1.00 35.28 ? 41  ASN A C   1 
ATOM   305 O O   . ASN A 1 41  ? -1.265  2.373   -11.638 1.00 36.51 ? 41  ASN A O   1 
ATOM   306 C CB  . ASN A 1 41  ? 0.733   4.938   -11.093 1.00 39.53 ? 41  ASN A CB  1 
ATOM   307 C CG  . ASN A 1 41  ? 0.521   5.002   -12.599 1.00 43.26 ? 41  ASN A CG  1 
ATOM   308 O OD1 . ASN A 1 41  ? 1.134   4.245   -13.349 1.00 45.17 ? 41  ASN A OD1 1 
ATOM   309 N ND2 . ASN A 1 41  ? -0.348  5.911   -13.046 1.00 44.50 ? 41  ASN A ND2 1 
ATOM   310 N N   . ALA A 1 42  ? 0.226   1.897   -10.035 1.00 34.26 ? 42  ALA A N   1 
ATOM   311 C CA  . ALA A 1 42  ? 0.203   0.470   -10.322 1.00 33.87 ? 42  ALA A CA  1 
ATOM   312 C C   . ALA A 1 42  ? -1.102  -0.200  -9.916  1.00 33.39 ? 42  ALA A C   1 
ATOM   313 O O   . ALA A 1 42  ? -1.627  -1.008  -10.678 1.00 31.94 ? 42  ALA A O   1 
ATOM   314 C CB  . ALA A 1 42  ? 1.390   -0.238  -9.643  1.00 34.26 ? 42  ALA A CB  1 
ATOM   315 N N   . VAL A 1 43  ? -1.625  0.102   -8.719  1.00 31.53 ? 43  VAL A N   1 
ATOM   316 C CA  . VAL A 1 43  ? -2.876  -0.519  -8.275  1.00 29.32 ? 43  VAL A CA  1 
ATOM   317 C C   . VAL A 1 43  ? -4.026  0.039   -9.109  1.00 30.36 ? 43  VAL A C   1 
ATOM   318 O O   . VAL A 1 43  ? -5.021  -0.645  -9.351  1.00 29.26 ? 43  VAL A O   1 
ATOM   319 C CB  . VAL A 1 43  ? -3.164  -0.280  -6.744  1.00 31.77 ? 43  VAL A CB  1 
ATOM   320 C CG1 . VAL A 1 43  ? -2.054  -0.890  -5.899  1.00 32.39 ? 43  VAL A CG1 1 
ATOM   321 C CG2 . VAL A 1 43  ? -3.255  1.186   -6.445  1.00 31.36 ? 43  VAL A CG2 1 
ATOM   322 N N   . PHE A 1 44  ? -3.858  1.289   -9.536  1.00 29.49 ? 44  PHE A N   1 
ATOM   323 C CA  . PHE A 1 44  ? -4.811  2.011   -10.376 1.00 30.45 ? 44  PHE A CA  1 
ATOM   324 C C   . PHE A 1 44  ? -4.839  1.318   -11.751 1.00 31.77 ? 44  PHE A C   1 
ATOM   325 O O   . PHE A 1 44  ? -5.889  0.928   -12.234 1.00 31.87 ? 44  PHE A O   1 
ATOM   326 C CB  . PHE A 1 44  ? -4.323  3.446   -10.524 1.00 29.23 ? 44  PHE A CB  1 
ATOM   327 C CG  . PHE A 1 44  ? -5.184  4.323   -11.399 1.00 33.11 ? 44  PHE A CG  1 
ATOM   328 C CD1 . PHE A 1 44  ? -6.533  4.513   -11.119 1.00 33.48 ? 44  PHE A CD1 1 
ATOM   329 C CD2 . PHE A 1 44  ? -4.617  5.019   -12.460 1.00 33.76 ? 44  PHE A CD2 1 
ATOM   330 C CE1 . PHE A 1 44  ? -7.305  5.389   -11.878 1.00 35.03 ? 44  PHE A CE1 1 
ATOM   331 C CE2 . PHE A 1 44  ? -5.373  5.897   -13.224 1.00 35.21 ? 44  PHE A CE2 1 
ATOM   332 C CZ  . PHE A 1 44  ? -6.725  6.086   -12.931 1.00 35.58 ? 44  PHE A CZ  1 
ATOM   333 N N   . CYS A 1 45  ? -3.672  1.159   -12.367 1.00 31.74 ? 45  CYS A N   1 
ATOM   334 C CA  . CYS A 1 45  ? -3.603  0.503   -13.680 1.00 34.40 ? 45  CYS A CA  1 
ATOM   335 C C   . CYS A 1 45  ? -4.035  -0.967  -13.701 1.00 34.80 ? 45  CYS A C   1 
ATOM   336 O O   . CYS A 1 45  ? -4.568  -1.426  -14.708 1.00 37.03 ? 45  CYS A O   1 
ATOM   337 C CB  . CYS A 1 45  ? -2.191  0.613   -14.234 1.00 35.45 ? 45  CYS A CB  1 
ATOM   338 S SG  . CYS A 1 45  ? -1.819  2.282   -14.667 1.00 38.55 ? 45  CYS A SG  1 
ATOM   339 N N   . ALA A 1 46  ? -3.812  -1.704  -12.611 1.00 32.54 ? 46  ALA A N   1 
ATOM   340 C CA  . ALA A 1 46  ? -4.199  -3.115  -12.556 1.00 31.43 ? 46  ALA A CA  1 
ATOM   341 C C   . ALA A 1 46  ? -5.617  -3.388  -12.038 1.00 31.22 ? 46  ALA A C   1 
ATOM   342 O O   . ALA A 1 46  ? -6.003  -4.545  -11.897 1.00 31.68 ? 46  ALA A O   1 
ATOM   343 C CB  . ALA A 1 46  ? -3.184  -3.913  -11.729 1.00 29.83 ? 46  ALA A CB  1 
ATOM   344 N N   . ASN A 1 47  ? -6.377  -2.331  -11.744 1.00 32.65 ? 47  ASN A N   1 
ATOM   345 C CA  . ASN A 1 47  ? -7.767  -2.445  -11.278 1.00 31.39 ? 47  ASN A CA  1 
ATOM   346 C C   . ASN A 1 47  ? -7.888  -3.263  -10.007 1.00 31.13 ? 47  ASN A C   1 
ATOM   347 O O   . ASN A 1 47  ? -8.875  -3.961  -9.791  1.00 31.25 ? 47  ASN A O   1 
ATOM   348 C CB  . ASN A 1 47  ? -8.640  -3.097  -12.359 1.00 32.94 ? 47  ASN A CB  1 
ATOM   349 C CG  . ASN A 1 47  ? -10.122 -2.818  -12.153 1.00 33.54 ? 47  ASN A CG  1 
ATOM   350 O OD1 . ASN A 1 47  ? -10.988 -3.624  -12.509 1.00 33.40 ? 47  ASN A OD1 1 
ATOM   351 N ND2 . ASN A 1 47  ? -10.412 -1.670  -11.587 1.00 32.41 ? 47  ASN A ND2 1 
ATOM   352 N N   . ILE A 1 48  ? -6.875  -3.186  -9.162  1.00 31.88 ? 48  ILE A N   1 
ATOM   353 C CA  . ILE A 1 48  ? -6.871  -3.937  -7.918  1.00 32.16 ? 48  ILE A CA  1 
ATOM   354 C C   . ILE A 1 48  ? -7.908  -3.352  -6.962  1.00 32.17 ? 48  ILE A C   1 
ATOM   355 O O   . ILE A 1 48  ? -7.926  -2.151  -6.748  1.00 31.92 ? 48  ILE A O   1 
ATOM   356 C CB  . ILE A 1 48  ? -5.477  -3.876  -7.283  1.00 32.57 ? 48  ILE A CB  1 
ATOM   357 C CG1 . ILE A 1 48  ? -4.513  -4.706  -8.146  1.00 35.01 ? 48  ILE A CG1 1 
ATOM   358 C CG2 . ILE A 1 48  ? -5.538  -4.389  -5.833  1.00 32.49 ? 48  ILE A CG2 1 
ATOM   359 C CD1 . ILE A 1 48  ? -3.118  -4.210  -8.092  1.00 35.53 ? 48  ILE A CD1 1 
ATOM   360 N N   . PRO A 1 49  ? -8.786  -4.198  -6.402  1.00 31.64 ? 49  PRO A N   1 
ATOM   361 C CA  . PRO A 1 49  ? -9.833  -3.783  -5.470  1.00 32.76 ? 49  PRO A CA  1 
ATOM   362 C C   . PRO A 1 49  ? -9.217  -3.280  -4.158  1.00 31.75 ? 49  PRO A C   1 
ATOM   363 O O   . PRO A 1 49  ? -8.182  -3.774  -3.713  1.00 30.56 ? 49  PRO A O   1 
ATOM   364 C CB  . PRO A 1 49  ? -10.650 -5.063  -5.246  1.00 32.14 ? 49  PRO A CB  1 
ATOM   365 C CG  . PRO A 1 49  ? -10.306 -5.948  -6.399  1.00 34.96 ? 49  PRO A CG  1 
ATOM   366 C CD  . PRO A 1 49  ? -8.846  -5.653  -6.637  1.00 33.51 ? 49  PRO A CD  1 
ATOM   367 N N   . VAL A 1 50  ? -9.867  -2.314  -3.534  1.00 32.28 ? 50  VAL A N   1 
ATOM   368 C CA  . VAL A 1 50  ? -9.364  -1.775  -2.277  1.00 31.61 ? 50  VAL A CA  1 
ATOM   369 C C   . VAL A 1 50  ? -9.211  -2.845  -1.189  1.00 31.32 ? 50  VAL A C   1 
ATOM   370 O O   . VAL A 1 50  ? -8.229  -2.840  -0.462  1.00 31.11 ? 50  VAL A O   1 
ATOM   371 C CB  . VAL A 1 50  ? -10.270 -0.606  -1.789  1.00 34.12 ? 50  VAL A CB  1 
ATOM   372 C CG1 . VAL A 1 50  ? -9.908  -0.210  -0.355  1.00 32.88 ? 50  VAL A CG1 1 
ATOM   373 C CG2 . VAL A 1 50  ? -10.083 0.591   -2.720  1.00 34.56 ? 50  VAL A CG2 1 
ATOM   374 N N   . PRO A 1 51  ? -10.153 -3.801  -1.085  1.00 33.15 ? 51  PRO A N   1 
ATOM   375 C CA  . PRO A 1 51  ? -9.982  -4.819  -0.028  1.00 34.13 ? 51  PRO A CA  1 
ATOM   376 C C   . PRO A 1 51  ? -8.645  -5.561  -0.092  1.00 35.08 ? 51  PRO A C   1 
ATOM   377 O O   . PRO A 1 51  ? -8.126  -6.010  0.937   1.00 34.49 ? 51  PRO A O   1 
ATOM   378 C CB  . PRO A 1 51  ? -11.164 -5.766  -0.248  1.00 33.99 ? 51  PRO A CB  1 
ATOM   379 C CG  . PRO A 1 51  ? -12.241 -4.819  -0.777  1.00 35.09 ? 51  PRO A CG  1 
ATOM   380 C CD  . PRO A 1 51  ? -11.451 -3.961  -1.773  1.00 32.53 ? 51  PRO A CD  1 
ATOM   381 N N   . GLU A 1 52  ? -8.091  -5.683  -1.294  1.00 33.98 ? 52  GLU A N   1 
ATOM   382 C CA  . GLU A 1 52  ? -6.817  -6.362  -1.477  1.00 35.70 ? 52  GLU A CA  1 
ATOM   383 C C   . GLU A 1 52  ? -5.690  -5.507  -0.928  1.00 34.32 ? 52  GLU A C   1 
ATOM   384 O O   . GLU A 1 52  ? -4.732  -6.022  -0.378  1.00 31.95 ? 52  GLU A O   1 
ATOM   385 C CB  . GLU A 1 52  ? -6.552  -6.653  -2.958  1.00 38.56 ? 52  GLU A CB  1 
ATOM   386 C CG  . GLU A 1 52  ? -7.524  -7.646  -3.560  1.00 45.56 ? 52  GLU A CG  1 
ATOM   387 C CD  . GLU A 1 52  ? -6.801  -8.812  -4.206  1.00 50.66 ? 52  GLU A CD  1 
ATOM   388 O OE1 . GLU A 1 52  ? -6.930  -8.990  -5.447  1.00 52.92 ? 52  GLU A OE1 1 
ATOM   389 O OE2 . GLU A 1 52  ? -6.093  -9.541  -3.465  1.00 52.31 ? 52  GLU A OE2 1 
ATOM   390 N N   . ILE A 1 53  ? -5.809  -4.192  -1.094  1.00 33.26 ? 53  ILE A N   1 
ATOM   391 C CA  . ILE A 1 53  ? -4.788  -3.292  -0.589  1.00 32.24 ? 53  ILE A CA  1 
ATOM   392 C C   . ILE A 1 53  ? -4.839  -3.323  0.925   1.00 33.01 ? 53  ILE A C   1 
ATOM   393 O O   . ILE A 1 53  ? -3.801  -3.288  1.595   1.00 32.75 ? 53  ILE A O   1 
ATOM   394 C CB  . ILE A 1 53  ? -5.023  -1.842  -1.064  1.00 33.07 ? 53  ILE A CB  1 
ATOM   395 C CG1 . ILE A 1 53  ? -4.898  -1.777  -2.588  1.00 32.53 ? 53  ILE A CG1 1 
ATOM   396 C CG2 . ILE A 1 53  ? -3.988  -0.906  -0.413  1.00 34.05 ? 53  ILE A CG2 1 
ATOM   397 C CD1 . ILE A 1 53  ? -5.297  -0.429  -3.176  1.00 36.59 ? 53  ILE A CD1 1 
ATOM   398 N N   . ILE A 1 54  ? -6.051  -3.401  1.464   1.00 30.99 ? 54  ILE A N   1 
ATOM   399 C CA  . ILE A 1 54  ? -6.205  -3.415  2.903   1.00 33.59 ? 54  ILE A CA  1 
ATOM   400 C C   . ILE A 1 54  ? -5.622  -4.696  3.461   1.00 35.02 ? 54  ILE A C   1 
ATOM   401 O O   . ILE A 1 54  ? -5.056  -4.699  4.554   1.00 34.00 ? 54  ILE A O   1 
ATOM   402 C CB  . ILE A 1 54  ? -7.686  -3.270  3.319   1.00 32.33 ? 54  ILE A CB  1 
ATOM   403 C CG1 . ILE A 1 54  ? -8.183  -1.860  2.957   1.00 34.20 ? 54  ILE A CG1 1 
ATOM   404 C CG2 . ILE A 1 54  ? -7.844  -3.520  4.818   1.00 34.90 ? 54  ILE A CG2 1 
ATOM   405 C CD1 . ILE A 1 54  ? -9.597  -1.557  3.426   1.00 33.09 ? 54  ILE A CD1 1 
ATOM   406 N N   . GLU A 1 55  ? -5.744  -5.783  2.700   1.00 35.75 ? 55  GLU A N   1 
ATOM   407 C CA  . GLU A 1 55  ? -5.225  -7.068  3.142   1.00 36.14 ? 55  GLU A CA  1 
ATOM   408 C C   . GLU A 1 55  ? -3.697  -7.046  3.159   1.00 34.61 ? 55  GLU A C   1 
ATOM   409 O O   . GLU A 1 55  ? -3.083  -7.582  4.072   1.00 34.62 ? 55  GLU A O   1 
ATOM   410 C CB  . GLU A 1 55  ? -5.743  -8.185  2.236   1.00 39.95 ? 55  GLU A CB  1 
ATOM   411 C CG  . GLU A 1 55  ? -5.654  -9.548  2.868   1.00 46.39 ? 55  GLU A CG  1 
ATOM   412 C CD  . GLU A 1 55  ? -6.034  -10.638 1.904   1.00 49.95 ? 55  GLU A CD  1 
ATOM   413 O OE1 . GLU A 1 55  ? -5.167  -11.043 1.089   1.00 52.56 ? 55  GLU A OE1 1 
ATOM   414 O OE2 . GLU A 1 55  ? -7.205  -11.073 1.957   1.00 51.97 ? 55  GLU A OE2 1 
ATOM   415 N N   . ILE A 1 56  ? -3.092  -6.423  2.154   1.00 33.03 ? 56  ILE A N   1 
ATOM   416 C CA  . ILE A 1 56  ? -1.643  -6.295  2.090   1.00 33.13 ? 56  ILE A CA  1 
ATOM   417 C C   . ILE A 1 56  ? -1.176  -5.510  3.329   1.00 34.34 ? 56  ILE A C   1 
ATOM   418 O O   . ILE A 1 56  ? -0.218  -5.909  4.002   1.00 33.29 ? 56  ILE A O   1 
ATOM   419 C CB  . ILE A 1 56  ? -1.211  -5.580  0.794   1.00 33.12 ? 56  ILE A CB  1 
ATOM   420 C CG1 . ILE A 1 56  ? -1.348  -6.551  -0.394  1.00 33.19 ? 56  ILE A CG1 1 
ATOM   421 C CG2 . ILE A 1 56  ? 0.227   -5.084  0.903   1.00 34.64 ? 56  ILE A CG2 1 
ATOM   422 C CD1 . ILE A 1 56  ? -1.146  -5.910  -1.735  1.00 29.88 ? 56  ILE A CD1 1 
ATOM   423 N N   . HIS A 1 57  ? -1.870  -4.415  3.638   1.00 33.34 ? 57  HIS A N   1 
ATOM   424 C CA  . HIS A 1 57  ? -1.550  -3.597  4.815   1.00 33.35 ? 57  HIS A CA  1 
ATOM   425 C C   . HIS A 1 57  ? -1.494  -4.475  6.088   1.00 35.32 ? 57  HIS A C   1 
ATOM   426 O O   . HIS A 1 57  ? -0.482  -4.505  6.795   1.00 33.43 ? 57  HIS A O   1 
ATOM   427 C CB  . HIS A 1 57  ? -2.626  -2.514  5.016   1.00 31.36 ? 57  HIS A CB  1 
ATOM   428 C CG  . HIS A 1 57  ? -2.361  -1.609  6.184   1.00 32.35 ? 57  HIS A CG  1 
ATOM   429 N ND1 . HIS A 1 57  ? -1.577  -0.477  6.090   1.00 31.65 ? 57  HIS A ND1 1 
ATOM   430 C CD2 . HIS A 1 57  ? -2.759  -1.685  7.478   1.00 32.88 ? 57  HIS A CD2 1 
ATOM   431 C CE1 . HIS A 1 57  ? -1.502  0.104   7.275   1.00 33.24 ? 57  HIS A CE1 1 
ATOM   432 N NE2 . HIS A 1 57  ? -2.211  -0.609  8.135   1.00 33.59 ? 57  HIS A NE2 1 
ATOM   433 N N   . MET A 1 58  ? -2.594  -5.174  6.367   1.00 35.28 ? 58  MET A N   1 
ATOM   434 C CA  . MET A 1 58  ? -2.684  -6.034  7.539   1.00 37.96 ? 58  MET A CA  1 
ATOM   435 C C   . MET A 1 58  ? -1.618  -7.135  7.572   1.00 38.58 ? 58  MET A C   1 
ATOM   436 O O   . MET A 1 58  ? -1.065  -7.452  8.628   1.00 39.19 ? 58  MET A O   1 
ATOM   437 C CB  . MET A 1 58  ? -4.075  -6.668  7.615   1.00 39.80 ? 58  MET A CB  1 
ATOM   438 C CG  . MET A 1 58  ? -5.194  -5.657  7.799   1.00 43.61 ? 58  MET A CG  1 
ATOM   439 S SD  . MET A 1 58  ? -4.812  -4.436  9.097   1.00 49.67 ? 58  MET A SD  1 
ATOM   440 C CE  . MET A 1 58  ? -5.177  -5.412  10.608  1.00 49.83 ? 58  MET A CE  1 
ATOM   441 N N   . GLU A 1 59  ? -1.328  -7.722  6.420   1.00 38.46 ? 59  GLU A N   1 
ATOM   442 C CA  . GLU A 1 59  ? -0.330  -8.771  6.374   1.00 39.10 ? 59  GLU A CA  1 
ATOM   443 C C   . GLU A 1 59  ? 1.046   -8.235  6.765   1.00 38.88 ? 59  GLU A C   1 
ATOM   444 O O   . GLU A 1 59  ? 1.785   -8.893  7.501   1.00 37.00 ? 59  GLU A O   1 
ATOM   445 C CB  . GLU A 1 59  ? -0.264  -9.387  4.975   1.00 41.28 ? 59  GLU A CB  1 
ATOM   446 C CG  . GLU A 1 59  ? -1.511  -10.174 4.599   1.00 45.22 ? 59  GLU A CG  1 
ATOM   447 C CD  . GLU A 1 59  ? -1.352  -10.921 3.285   1.00 47.93 ? 59  GLU A CD  1 
ATOM   448 O OE1 . GLU A 1 59  ? -0.251  -10.845 2.676   1.00 48.53 ? 59  GLU A OE1 1 
ATOM   449 O OE2 . GLU A 1 59  ? -2.328  -11.583 2.865   1.00 50.15 ? 59  GLU A OE2 1 
ATOM   450 N N   . LEU A 1 60  ? 1.384   -7.051  6.263   1.00 37.25 ? 60  LEU A N   1 
ATOM   451 C CA  . LEU A 1 60  ? 2.670   -6.449  6.573   1.00 38.06 ? 60  LEU A CA  1 
ATOM   452 C C   . LEU A 1 60  ? 2.723   -6.041  8.041   1.00 39.03 ? 60  LEU A C   1 
ATOM   453 O O   . LEU A 1 60  ? 3.782   -6.129  8.676   1.00 38.12 ? 60  LEU A O   1 
ATOM   454 C CB  . LEU A 1 60  ? 2.928   -5.255  5.646   1.00 36.60 ? 60  LEU A CB  1 
ATOM   455 C CG  . LEU A 1 60  ? 3.233   -5.724  4.218   1.00 35.48 ? 60  LEU A CG  1 
ATOM   456 C CD1 . LEU A 1 60  ? 3.116   -4.568  3.221   1.00 35.84 ? 60  LEU A CD1 1 
ATOM   457 C CD2 . LEU A 1 60  ? 4.656   -6.320  4.190   1.00 35.11 ? 60  LEU A CD2 1 
ATOM   458 N N   . ILE A 1 61  ? 1.585   -5.616  8.584   1.00 38.92 ? 61  ILE A N   1 
ATOM   459 C CA  . ILE A 1 61  ? 1.541   -5.231  9.991   1.00 40.23 ? 61  ILE A CA  1 
ATOM   460 C C   . ILE A 1 61  ? 1.839   -6.488  10.824  1.00 40.85 ? 61  ILE A C   1 
ATOM   461 O O   . ILE A 1 61  ? 2.572   -6.416  11.814  1.00 38.78 ? 61  ILE A O   1 
ATOM   462 C CB  . ILE A 1 61  ? 0.163   -4.647  10.392  1.00 40.33 ? 61  ILE A CB  1 
ATOM   463 C CG1 . ILE A 1 61  ? -0.047  -3.275  9.742   1.00 41.76 ? 61  ILE A CG1 1 
ATOM   464 C CG2 . ILE A 1 61  ? 0.057   -4.506  11.898  1.00 42.69 ? 61  ILE A CG2 1 
ATOM   465 C CD1 . ILE A 1 61  ? 1.047   -2.260  9.985   1.00 40.28 ? 61  ILE A CD1 1 
ATOM   466 N N   . ASP A 1 62  ? 1.299   -7.638  10.408  1.00 40.75 ? 62  ASP A N   1 
ATOM   467 C CA  . ASP A 1 62  ? 1.545   -8.886  11.140  1.00 41.87 ? 62  ASP A CA  1 
ATOM   468 C C   . ASP A 1 62  ? 3.019   -9.260  11.102  1.00 41.43 ? 62  ASP A C   1 
ATOM   469 O O   . ASP A 1 62  ? 3.589   -9.650  12.129  1.00 39.97 ? 62  ASP A O   1 
ATOM   470 C CB  . ASP A 1 62  ? 0.711   -10.041 10.579  1.00 44.02 ? 62  ASP A CB  1 
ATOM   471 C CG  . ASP A 1 62  ? -0.722  -10.033 11.090  1.00 47.05 ? 62  ASP A CG  1 
ATOM   472 O OD1 . ASP A 1 62  ? -0.994  -9.313  12.076  1.00 48.21 ? 62  ASP A OD1 1 
ATOM   473 O OD2 . ASP A 1 62  ? -1.575  -10.751 10.510  1.00 49.44 ? 62  ASP A OD2 1 
ATOM   474 N N   . GLU A 1 63  ? 3.618   -9.152  9.912   1.00 40.80 ? 63  GLU A N   1 
ATOM   475 C CA  . GLU A 1 63  ? 5.036   -9.439  9.717   1.00 41.72 ? 63  GLU A CA  1 
ATOM   476 C C   . GLU A 1 63  ? 5.869   -8.530  10.615  1.00 41.72 ? 63  GLU A C   1 
ATOM   477 O O   . GLU A 1 63  ? 6.758   -9.001  11.324  1.00 40.01 ? 63  GLU A O   1 
ATOM   478 C CB  . GLU A 1 63  ? 5.431   -9.228  8.250   1.00 42.38 ? 63  GLU A CB  1 
ATOM   479 C CG  . GLU A 1 63  ? 5.035   -10.388 7.348   1.00 46.39 ? 63  GLU A CG  1 
ATOM   480 C CD  . GLU A 1 63  ? 5.181   -10.093 5.858   1.00 49.00 ? 63  GLU A CD  1 
ATOM   481 O OE1 . GLU A 1 63  ? 6.127   -9.365  5.459   1.00 47.68 ? 63  GLU A OE1 1 
ATOM   482 O OE2 . GLU A 1 63  ? 4.339   -10.616 5.086   1.00 50.69 ? 63  GLU A OE2 1 
ATOM   483 N N   . PHE A 1 64  ? 5.573   -7.228  10.583  1.00 40.72 ? 64  PHE A N   1 
ATOM   484 C CA  . PHE A 1 64  ? 6.289   -6.256  11.405  1.00 40.58 ? 64  PHE A CA  1 
ATOM   485 C C   . PHE A 1 64  ? 6.221   -6.570  12.902  1.00 41.65 ? 64  PHE A C   1 
ATOM   486 O O   . PHE A 1 64  ? 7.251   -6.514  13.605  1.00 40.18 ? 64  PHE A O   1 
ATOM   487 C CB  . PHE A 1 64  ? 5.722   -4.854  11.211  1.00 39.80 ? 64  PHE A CB  1 
ATOM   488 C CG  . PHE A 1 64  ? 6.007   -4.248  9.872   1.00 39.61 ? 64  PHE A CG  1 
ATOM   489 C CD1 . PHE A 1 64  ? 5.554   -2.958  9.586   1.00 39.62 ? 64  PHE A CD1 1 
ATOM   490 C CD2 . PHE A 1 64  ? 6.715   -4.948  8.893   1.00 39.24 ? 64  PHE A CD2 1 
ATOM   491 C CE1 . PHE A 1 64  ? 5.805   -2.372  8.339   1.00 40.18 ? 64  PHE A CE1 1 
ATOM   492 C CE2 . PHE A 1 64  ? 6.975   -4.371  7.637   1.00 39.28 ? 64  PHE A CE2 1 
ATOM   493 C CZ  . PHE A 1 64  ? 6.517   -3.078  7.363   1.00 39.63 ? 64  PHE A CZ  1 
ATOM   494 N N   . SER A 1 65  ? 5.015   -6.880  13.388  1.00 41.07 ? 65  SER A N   1 
ATOM   495 C CA  . SER A 1 65  ? 4.814   -7.160  14.807  1.00 44.39 ? 65  SER A CA  1 
ATOM   496 C C   . SER A 1 65  ? 5.644   -8.362  15.228  1.00 46.21 ? 65  SER A C   1 
ATOM   497 O O   . SER A 1 65  ? 6.133   -8.428  16.357  1.00 45.84 ? 65  SER A O   1 
ATOM   498 C CB  . SER A 1 65  ? 3.321   -7.379  15.120  1.00 45.29 ? 65  SER A CB  1 
ATOM   499 O OG  . SER A 1 65  ? 2.873   -8.663  14.733  1.00 48.62 ? 65  SER A OG  1 
ATOM   500 N N   . LYS A 1 66  ? 5.826   -9.302  14.305  1.00 47.95 ? 66  LYS A N   1 
ATOM   501 C CA  . LYS A 1 66  ? 6.633   -10.484 14.579  1.00 49.49 ? 66  LYS A CA  1 
ATOM   502 C C   . LYS A 1 66  ? 8.121   -10.092 14.607  1.00 49.59 ? 66  LYS A C   1 
ATOM   503 O O   . LYS A 1 66  ? 8.837   -10.434 15.552  1.00 48.56 ? 66  LYS A O   1 
ATOM   504 C CB  . LYS A 1 66  ? 6.395   -11.556 13.507  1.00 51.55 ? 66  LYS A CB  1 
ATOM   505 C CG  . LYS A 1 66  ? 5.245   -12.519 13.800  1.00 54.30 ? 66  LYS A CG  1 
ATOM   506 C CD  . LYS A 1 66  ? 3.931   -11.801 14.058  1.00 57.31 ? 66  LYS A CD  1 
ATOM   507 C CE  . LYS A 1 66  ? 2.805   -12.786 14.399  1.00 59.21 ? 66  LYS A CE  1 
ATOM   508 N NZ  . LYS A 1 66  ? 2.514   -13.741 13.285  1.00 60.12 ? 66  LYS A NZ  1 
ATOM   509 N N   . GLN A 1 67  ? 8.582   -9.380  13.581  1.00 48.69 ? 67  GLN A N   1 
ATOM   510 C CA  . GLN A 1 67  ? 9.984   -8.951  13.532  1.00 50.47 ? 67  GLN A CA  1 
ATOM   511 C C   . GLN A 1 67  ? 10.384  -8.095  14.741  1.00 50.64 ? 67  GLN A C   1 
ATOM   512 O O   . GLN A 1 67  ? 11.532  -8.132  15.187  1.00 51.28 ? 67  GLN A O   1 
ATOM   513 C CB  . GLN A 1 67  ? 10.264  -8.161  12.249  1.00 51.17 ? 67  GLN A CB  1 
ATOM   514 C CG  . GLN A 1 67  ? 10.254  -8.993  10.982  1.00 54.15 ? 67  GLN A CG  1 
ATOM   515 C CD  . GLN A 1 67  ? 10.585  -8.171  9.742   1.00 56.55 ? 67  GLN A CD  1 
ATOM   516 O OE1 . GLN A 1 67  ? 9.967   -7.136  9.485   1.00 59.35 ? 67  GLN A OE1 1 
ATOM   517 N NE2 . GLN A 1 67  ? 11.557  -8.634  8.964   1.00 57.66 ? 67  GLN A NE2 1 
ATOM   518 N N   . LEU A 1 68  ? 9.434   -7.324  15.262  1.00 50.18 ? 68  LEU A N   1 
ATOM   519 C CA  . LEU A 1 68  ? 9.681   -6.455  16.409  1.00 50.20 ? 68  LEU A CA  1 
ATOM   520 C C   . LEU A 1 68  ? 9.433   -7.145  17.744  1.00 49.93 ? 68  LEU A C   1 
ATOM   521 O O   . LEU A 1 68  ? 9.592   -6.530  18.795  1.00 48.99 ? 68  LEU A O   1 
ATOM   522 C CB  . LEU A 1 68  ? 8.794   -5.212  16.319  1.00 49.19 ? 68  LEU A CB  1 
ATOM   523 C CG  . LEU A 1 68  ? 9.330   -3.935  15.667  1.00 50.95 ? 68  LEU A CG  1 
ATOM   524 C CD1 . LEU A 1 68  ? 10.398  -4.249  14.643  1.00 50.96 ? 68  LEU A CD1 1 
ATOM   525 C CD2 . LEU A 1 68  ? 8.159   -3.163  15.045  1.00 49.72 ? 68  LEU A CD2 1 
ATOM   526 N N   . ARG A 1 69  ? 9.037   -8.414  17.706  1.00 51.46 ? 69  ARG A N   1 
ATOM   527 C CA  . ARG A 1 69  ? 8.767   -9.158  18.934  1.00 53.00 ? 69  ARG A CA  1 
ATOM   528 C C   . ARG A 1 69  ? 7.734   -8.442  19.807  1.00 53.21 ? 69  ARG A C   1 
ATOM   529 O O   . ARG A 1 69  ? 7.921   -8.319  21.012  1.00 53.11 ? 69  ARG A O   1 
ATOM   530 C CB  . ARG A 1 69  ? 10.058  -9.342  19.750  1.00 54.57 ? 69  ARG A CB  1 
ATOM   531 C CG  . ARG A 1 69  ? 10.927  -10.532 19.357  1.00 58.47 ? 69  ARG A CG  1 
ATOM   532 C CD  . ARG A 1 69  ? 11.605  -10.364 18.008  1.00 61.73 ? 69  ARG A CD  1 
ATOM   533 N NE  . ARG A 1 69  ? 12.561  -11.445 17.730  1.00 65.67 ? 69  ARG A NE  1 
ATOM   534 C CZ  . ARG A 1 69  ? 12.222  -12.693 17.398  1.00 67.76 ? 69  ARG A CZ  1 
ATOM   535 N NH1 . ARG A 1 69  ? 10.942  -13.040 17.294  1.00 68.58 ? 69  ARG A NH1 1 
ATOM   536 N NH2 . ARG A 1 69  ? 13.166  -13.599 17.163  1.00 68.38 ? 69  ARG A NH2 1 
ATOM   537 N N   . LEU A 1 70  ? 6.643   -7.974  19.211  1.00 53.30 ? 70  LEU A N   1 
ATOM   538 C CA  . LEU A 1 70  ? 5.629   -7.276  19.994  1.00 55.06 ? 70  LEU A CA  1 
ATOM   539 C C   . LEU A 1 70  ? 4.677   -8.231  20.714  1.00 55.81 ? 70  LEU A C   1 
ATOM   540 O O   . LEU A 1 70  ? 4.550   -9.390  20.251  1.00 55.58 ? 70  LEU A O   1 
ATOM   541 C CB  . LEU A 1 70  ? 4.830   -6.324  19.096  1.00 54.03 ? 70  LEU A CB  1 
ATOM   542 C CG  . LEU A 1 70  ? 5.682   -5.233  18.446  1.00 54.02 ? 70  LEU A CG  1 
ATOM   543 C CD1 . LEU A 1 70  ? 4.790   -4.276  17.663  1.00 53.27 ? 70  LEU A CD1 1 
ATOM   544 C CD2 . LEU A 1 70  ? 6.463   -4.487  19.530  1.00 53.62 ? 70  LEU A CD2 1 
ATOM   545 N N   . GLY A 1 74  ? -0.817  -6.733  14.847  1.00 70.14 ? 74  GLY A N   1 
ATOM   546 C CA  . GLY A 1 74  ? -2.056  -6.392  14.083  1.00 70.15 ? 74  GLY A CA  1 
ATOM   547 C C   . GLY A 1 74  ? -2.775  -5.171  14.628  1.00 70.14 ? 74  GLY A C   1 
ATOM   548 O O   . GLY A 1 74  ? -3.961  -5.242  14.946  1.00 70.14 ? 74  GLY A O   1 
ATOM   549 N N   . ASP A 1 75  ? -2.064  -4.047  14.722  1.00 70.13 ? 75  ASP A N   1 
ATOM   550 C CA  . ASP A 1 75  ? -2.631  -2.804  15.248  1.00 70.13 ? 75  ASP A CA  1 
ATOM   551 C C   . ASP A 1 75  ? -2.852  -2.949  16.755  1.00 70.12 ? 75  ASP A C   1 
ATOM   552 O O   . ASP A 1 75  ? -3.952  -3.398  17.134  1.00 70.11 ? 75  ASP A O   1 
ATOM   553 C CB  . ASP A 1 75  ? -3.966  -2.467  14.552  1.00 70.11 ? 75  ASP A CB  1 
ATOM   554 C CG  . ASP A 1 75  ? -3.820  -2.320  13.044  1.00 70.11 ? 75  ASP A CG  1 
ATOM   555 O OD1 . ASP A 1 75  ? -3.388  -3.293  12.390  1.00 70.10 ? 75  ASP A OD1 1 
ATOM   556 O OD2 . ASP A 1 75  ? -4.133  -1.236  12.510  1.00 69.07 ? 75  ASP A OD2 1 
ATOM   557 N N   . LEU A 1 78  ? 0.578   -1.518  16.176  1.00 40.22 ? 78  LEU A N   1 
ATOM   558 C CA  . LEU A 1 78  ? 1.077   -0.679  15.055  1.00 39.85 ? 78  LEU A CA  1 
ATOM   559 C C   . LEU A 1 78  ? -0.046  0.182   14.448  1.00 39.91 ? 78  LEU A C   1 
ATOM   560 O O   . LEU A 1 78  ? -0.084  0.397   13.231  1.00 38.00 ? 78  LEU A O   1 
ATOM   561 C CB  . LEU A 1 78  ? 1.672   -1.589  13.982  1.00 42.18 ? 78  LEU A CB  1 
ATOM   562 C CG  . LEU A 1 78  ? 2.799   -2.520  14.436  1.00 42.53 ? 78  LEU A CG  1 
ATOM   563 C CD1 . LEU A 1 78  ? 3.220   -3.413  13.259  1.00 45.77 ? 78  LEU A CD1 1 
ATOM   564 C CD2 . LEU A 1 78  ? 3.961   -1.698  14.922  1.00 43.34 ? 78  LEU A CD2 1 
ATOM   565 N N   . MET A 1 79  ? -0.940  0.679   15.304  1.00 38.61 ? 79  MET A N   1 
ATOM   566 C CA  . MET A 1 79  ? -2.072  1.482   14.858  1.00 39.55 ? 79  MET A CA  1 
ATOM   567 C C   . MET A 1 79  ? -1.699  2.797   14.187  1.00 38.76 ? 79  MET A C   1 
ATOM   568 O O   . MET A 1 79  ? -2.500  3.358   13.427  1.00 37.35 ? 79  MET A O   1 
ATOM   569 C CB  . MET A 1 79  ? -3.034  1.729   16.021  1.00 41.58 ? 79  MET A CB  1 
ATOM   570 C CG  . MET A 1 79  ? -3.589  0.440   16.604  1.00 46.96 ? 79  MET A CG  1 
ATOM   571 S SD  . MET A 1 79  ? -4.933  0.643   17.794  1.00 54.13 ? 79  MET A SD  1 
ATOM   572 C CE  . MET A 1 79  ? -4.031  1.176   19.251  1.00 52.35 ? 79  MET A CE  1 
ATOM   573 N N   . ASP A 1 80  ? -0.487  3.291   14.438  1.00 37.79 ? 80  ASP A N   1 
ATOM   574 C CA  . ASP A 1 80  ? -0.068  4.537   13.799  1.00 37.11 ? 80  ASP A CA  1 
ATOM   575 C C   . ASP A 1 80  ? 0.040   4.351   12.282  1.00 34.72 ? 80  ASP A C   1 
ATOM   576 O O   . ASP A 1 80  ? -0.080  5.306   11.533  1.00 33.65 ? 80  ASP A O   1 
ATOM   577 C CB  . ASP A 1 80  ? 1.276   5.043   14.357  1.00 39.20 ? 80  ASP A CB  1 
ATOM   578 C CG  . ASP A 1 80  ? 1.153   5.619   15.763  1.00 41.72 ? 80  ASP A CG  1 
ATOM   579 O OD1 . ASP A 1 80  ? 0.079   6.181   16.094  1.00 40.66 ? 80  ASP A OD1 1 
ATOM   580 O OD2 . ASP A 1 80  ? 2.145   5.519   16.531  1.00 42.41 ? 80  ASP A OD2 1 
ATOM   581 N N   . TYR A 1 81  ? 0.280   3.125   11.828  1.00 34.20 ? 81  TYR A N   1 
ATOM   582 C CA  . TYR A 1 81  ? 0.366   2.889   10.390  1.00 32.30 ? 81  TYR A CA  1 
ATOM   583 C C   . TYR A 1 81  ? -1.007  3.060   9.704   1.00 32.33 ? 81  TYR A C   1 
ATOM   584 O O   . TYR A 1 81  ? -1.094  2.998   8.482   1.00 32.71 ? 81  TYR A O   1 
ATOM   585 C CB  . TYR A 1 81  ? 0.980   1.503   10.098  1.00 33.17 ? 81  TYR A CB  1 
ATOM   586 C CG  . TYR A 1 81  ? 2.497   1.491   10.232  1.00 32.78 ? 81  TYR A CG  1 
ATOM   587 C CD1 . TYR A 1 81  ? 3.149   0.590   11.098  1.00 33.42 ? 81  TYR A CD1 1 
ATOM   588 C CD2 . TYR A 1 81  ? 3.277   2.410   9.527   1.00 33.28 ? 81  TYR A CD2 1 
ATOM   589 C CE1 . TYR A 1 81  ? 4.552   0.618   11.251  1.00 33.64 ? 81  TYR A CE1 1 
ATOM   590 C CE2 . TYR A 1 81  ? 4.672   2.451   9.672   1.00 33.20 ? 81  TYR A CE2 1 
ATOM   591 C CZ  . TYR A 1 81  ? 5.302   1.555   10.530  1.00 34.73 ? 81  TYR A CZ  1 
ATOM   592 O OH  . TYR A 1 81  ? 6.683   1.593   10.633  1.00 35.17 ? 81  TYR A OH  1 
ATOM   593 N N   . ARG A 1 82  ? -2.072  3.284   10.477  1.00 31.19 ? 82  ARG A N   1 
ATOM   594 C CA  . ARG A 1 82  ? -3.380  3.529   9.869   1.00 31.20 ? 82  ARG A CA  1 
ATOM   595 C C   . ARG A 1 82  ? -3.328  4.868   9.123   1.00 31.32 ? 82  ARG A C   1 
ATOM   596 O O   . ARG A 1 82  ? -4.125  5.121   8.209   1.00 29.96 ? 82  ARG A O   1 
ATOM   597 C CB  . ARG A 1 82  ? -4.476  3.559   10.923  1.00 30.36 ? 82  ARG A CB  1 
ATOM   598 C CG  . ARG A 1 82  ? -4.723  2.193   11.538  1.00 33.46 ? 82  ARG A CG  1 
ATOM   599 C CD  . ARG A 1 82  ? -5.799  2.260   12.585  1.00 34.74 ? 82  ARG A CD  1 
ATOM   600 N NE  . ARG A 1 82  ? -5.955  0.993   13.293  1.00 39.05 ? 82  ARG A NE  1 
ATOM   601 C CZ  . ARG A 1 82  ? -6.662  0.856   14.411  1.00 41.16 ? 82  ARG A CZ  1 
ATOM   602 N NH1 . ARG A 1 82  ? -7.269  1.909   14.946  1.00 39.98 ? 82  ARG A NH1 1 
ATOM   603 N NH2 . ARG A 1 82  ? -6.771  -0.335  14.986  1.00 43.28 ? 82  ARG A NH2 1 
ATOM   604 N N   . LEU A 1 83  ? -2.376  5.720   9.509   1.00 29.27 ? 83  LEU A N   1 
ATOM   605 C CA  . LEU A 1 83  ? -2.197  7.015   8.852   1.00 30.16 ? 83  LEU A CA  1 
ATOM   606 C C   . LEU A 1 83  ? -1.741  6.762   7.411   1.00 28.97 ? 83  LEU A C   1 
ATOM   607 O O   . LEU A 1 83  ? -2.176  7.429   6.460   1.00 27.18 ? 83  LEU A O   1 
ATOM   608 C CB  . LEU A 1 83  ? -1.131  7.846   9.584   1.00 31.93 ? 83  LEU A CB  1 
ATOM   609 C CG  . LEU A 1 83  ? -1.560  8.352   10.969  1.00 33.20 ? 83  LEU A CG  1 
ATOM   610 C CD1 . LEU A 1 83  ? -0.381  9.014   11.698  1.00 34.09 ? 83  LEU A CD1 1 
ATOM   611 C CD2 . LEU A 1 83  ? -2.696  9.346   10.798  1.00 32.62 ? 83  LEU A CD2 1 
ATOM   612 N N   . THR A 1 84  ? -0.828  5.811   7.281   1.00 27.77 ? 84  THR A N   1 
ATOM   613 C CA  . THR A 1 84  ? -0.302  5.408   5.993   1.00 28.05 ? 84  THR A CA  1 
ATOM   614 C C   . THR A 1 84  ? -1.442  4.895   5.104   1.00 27.44 ? 84  THR A C   1 
ATOM   615 O O   . THR A 1 84  ? -1.543  5.260   3.932   1.00 28.08 ? 84  THR A O   1 
ATOM   616 C CB  . THR A 1 84  ? 0.710   4.258   6.140   1.00 30.13 ? 84  THR A CB  1 
ATOM   617 O OG1 . THR A 1 84  ? 1.777   4.660   7.025   1.00 31.23 ? 84  THR A OG1 1 
ATOM   618 C CG2 . THR A 1 84  ? 1.270   3.893   4.755   1.00 29.37 ? 84  THR A CG2 1 
ATOM   619 N N   . LEU A 1 85  ? -2.293  4.046   5.662   1.00 25.32 ? 85  LEU A N   1 
ATOM   620 C CA  . LEU A 1 85  ? -3.394  3.484   4.885   1.00 26.82 ? 85  LEU A CA  1 
ATOM   621 C C   . LEU A 1 85  ? -4.368  4.582   4.449   1.00 25.92 ? 85  LEU A C   1 
ATOM   622 O O   . LEU A 1 85  ? -4.860  4.589   3.319   1.00 25.18 ? 85  LEU A O   1 
ATOM   623 C CB  . LEU A 1 85  ? -4.120  2.414   5.699   1.00 26.25 ? 85  LEU A CB  1 
ATOM   624 C CG  . LEU A 1 85  ? -5.279  1.686   4.994   1.00 27.81 ? 85  LEU A CG  1 
ATOM   625 C CD1 . LEU A 1 85  ? -4.810  1.077   3.652   1.00 27.12 ? 85  LEU A CD1 1 
ATOM   626 C CD2 . LEU A 1 85  ? -5.823  0.602   5.927   1.00 26.93 ? 85  LEU A CD2 1 
ATOM   627 N N   . ILE A 1 86  ? -4.647  5.513   5.348   1.00 24.39 ? 86  ILE A N   1 
ATOM   628 C CA  . ILE A 1 86  ? -5.519  6.621   5.000   1.00 25.89 ? 86  ILE A CA  1 
ATOM   629 C C   . ILE A 1 86  ? -4.937  7.396   3.821   1.00 25.50 ? 86  ILE A C   1 
ATOM   630 O O   . ILE A 1 86  ? -5.648  7.719   2.860   1.00 25.03 ? 86  ILE A O   1 
ATOM   631 C CB  . ILE A 1 86  ? -5.703  7.599   6.193   1.00 26.29 ? 86  ILE A CB  1 
ATOM   632 C CG1 . ILE A 1 86  ? -6.623  6.949   7.246   1.00 26.12 ? 86  ILE A CG1 1 
ATOM   633 C CG2 . ILE A 1 86  ? -6.303  8.937   5.688   1.00 25.34 ? 86  ILE A CG2 1 
ATOM   634 C CD1 . ILE A 1 86  ? -6.553  7.613   8.625   1.00 27.40 ? 86  ILE A CD1 1 
ATOM   635 N N   . ASP A 1 87  ? -3.643  7.679   3.906   1.00 27.22 ? 87  ASP A N   1 
ATOM   636 C CA  . ASP A 1 87  ? -2.919  8.445   2.895   1.00 28.81 ? 87  ASP A CA  1 
ATOM   637 C C   . ASP A 1 87  ? -2.968  7.741   1.529   1.00 29.81 ? 87  ASP A C   1 
ATOM   638 O O   . ASP A 1 87  ? -3.157  8.375   0.489   1.00 29.82 ? 87  ASP A O   1 
ATOM   639 C CB  . ASP A 1 87  ? -1.476  8.618   3.371   1.00 31.10 ? 87  ASP A CB  1 
ATOM   640 C CG  . ASP A 1 87  ? -0.708  9.707   2.619   1.00 34.67 ? 87  ASP A CG  1 
ATOM   641 O OD1 . ASP A 1 87  ? 0.420   10.013  3.052   1.00 34.64 ? 87  ASP A OD1 1 
ATOM   642 O OD2 . ASP A 1 87  ? -1.203  10.250  1.610   1.00 35.26 ? 87  ASP A OD2 1 
ATOM   643 N N   . ILE A 1 88  ? -2.814  6.422   1.551   1.00 28.75 ? 88  ILE A N   1 
ATOM   644 C CA  . ILE A 1 88  ? -2.824  5.604   0.340   1.00 27.47 ? 88  ILE A CA  1 
ATOM   645 C C   . ILE A 1 88  ? -4.216  5.598   -0.285  1.00 26.06 ? 88  ILE A C   1 
ATOM   646 O O   . ILE A 1 88  ? -4.374  5.831   -1.491  1.00 26.50 ? 88  ILE A O   1 
ATOM   647 C CB  . ILE A 1 88  ? -2.398  4.143   0.688   1.00 28.86 ? 88  ILE A CB  1 
ATOM   648 C CG1 . ILE A 1 88  ? -0.883  4.094   0.934   1.00 30.05 ? 88  ILE A CG1 1 
ATOM   649 C CG2 . ILE A 1 88  ? -2.856  3.163   -0.409  1.00 27.81 ? 88  ILE A CG2 1 
ATOM   650 C CD1 . ILE A 1 88  ? -0.070  4.359   -0.301  1.00 32.10 ? 88  ILE A CD1 1 
ATOM   651 N N   . LEU A 1 89  ? -5.229  5.344   0.540   1.00 24.86 ? 89  LEU A N   1 
ATOM   652 C CA  . LEU A 1 89  ? -6.599  5.318   0.042   1.00 26.44 ? 89  LEU A CA  1 
ATOM   653 C C   . LEU A 1 89  ? -7.070  6.676   -0.476  1.00 26.55 ? 89  LEU A C   1 
ATOM   654 O O   . LEU A 1 89  ? -7.820  6.732   -1.444  1.00 27.78 ? 89  LEU A O   1 
ATOM   655 C CB  . LEU A 1 89  ? -7.559  4.790   1.109   1.00 27.24 ? 89  LEU A CB  1 
ATOM   656 C CG  . LEU A 1 89  ? -7.349  3.320   1.516   1.00 29.09 ? 89  LEU A CG  1 
ATOM   657 C CD1 . LEU A 1 89  ? -8.346  2.918   2.601   1.00 26.74 ? 89  LEU A CD1 1 
ATOM   658 C CD2 . LEU A 1 89  ? -7.508  2.425   0.284   1.00 30.69 ? 89  LEU A CD2 1 
ATOM   659 N N   . ALA A 1 90  ? -6.646  7.754   0.171   1.00 26.45 ? 90  ALA A N   1 
ATOM   660 C CA  . ALA A 1 90  ? -7.010  9.106   -0.256  1.00 27.45 ? 90  ALA A CA  1 
ATOM   661 C C   . ALA A 1 90  ? -6.396  9.368   -1.641  1.00 28.44 ? 90  ALA A C   1 
ATOM   662 O O   . ALA A 1 90  ? -7.039  9.962   -2.513  1.00 26.92 ? 90  ALA A O   1 
ATOM   663 C CB  . ALA A 1 90  ? -6.480  10.146  0.744   1.00 26.72 ? 90  ALA A CB  1 
ATOM   664 N N   . HIS A 1 91  ? -5.135  8.962   -1.822  1.00 28.20 ? 91  HIS A N   1 
ATOM   665 C CA  . HIS A 1 91  ? -4.452  9.139   -3.109  1.00 28.86 ? 91  HIS A CA  1 
ATOM   666 C C   . HIS A 1 91  ? -5.099  8.281   -4.188  1.00 28.10 ? 91  HIS A C   1 
ATOM   667 O O   . HIS A 1 91  ? -5.219  8.697   -5.332  1.00 28.81 ? 91  HIS A O   1 
ATOM   668 C CB  . HIS A 1 91  ? -2.968  8.765   -3.012  1.00 31.59 ? 91  HIS A CB  1 
ATOM   669 C CG  . HIS A 1 91  ? -2.109  9.871   -2.491  1.00 36.64 ? 91  HIS A CG  1 
ATOM   670 N ND1 . HIS A 1 91  ? -2.099  10.242  -1.164  1.00 37.23 ? 91  HIS A ND1 1 
ATOM   671 C CD2 . HIS A 1 91  ? -1.278  10.729  -3.129  1.00 39.14 ? 91  HIS A CD2 1 
ATOM   672 C CE1 . HIS A 1 91  ? -1.301  11.281  -1.007  1.00 39.17 ? 91  HIS A CE1 1 
ATOM   673 N NE2 . HIS A 1 91  ? -0.790  11.598  -2.183  1.00 40.17 ? 91  HIS A NE2 1 
ATOM   674 N N   . LEU A 1 92  ? -5.496  7.071   -3.826  1.00 26.63 ? 92  LEU A N   1 
ATOM   675 C CA  . LEU A 1 92  ? -6.126  6.208   -4.804  1.00 27.97 ? 92  LEU A CA  1 
ATOM   676 C C   . LEU A 1 92  ? -7.475  6.804   -5.222  1.00 27.99 ? 92  LEU A C   1 
ATOM   677 O O   . LEU A 1 92  ? -7.804  6.819   -6.404  1.00 27.40 ? 92  LEU A O   1 
ATOM   678 C CB  . LEU A 1 92  ? -6.295  4.788   -4.253  1.00 26.48 ? 92  LEU A CB  1 
ATOM   679 C CG  . LEU A 1 92  ? -6.789  3.735   -5.259  1.00 27.89 ? 92  LEU A CG  1 
ATOM   680 C CD1 . LEU A 1 92  ? -5.865  3.719   -6.490  1.00 24.57 ? 92  LEU A CD1 1 
ATOM   681 C CD2 . LEU A 1 92  ? -6.819  2.361   -4.604  1.00 26.46 ? 92  LEU A CD2 1 
ATOM   682 N N   A CYS A 1 93  ? -8.244  7.302   -4.257  0.50 27.35 ? 93  CYS A N   1 
ATOM   683 N N   B CYS A 1 93  ? -8.243  7.303   -4.261  0.50 27.02 ? 93  CYS A N   1 
ATOM   684 C CA  A CYS A 1 93  ? -9.543  7.911   -4.560  0.50 28.06 ? 93  CYS A CA  1 
ATOM   685 C CA  B CYS A 1 93  ? -9.545  7.886   -4.577  0.50 27.39 ? 93  CYS A CA  1 
ATOM   686 C C   A CYS A 1 93  ? -9.410  9.056   -5.555  0.50 28.15 ? 93  CYS A C   1 
ATOM   687 C C   B CYS A 1 93  ? -9.422  9.064   -5.544  0.50 27.79 ? 93  CYS A C   1 
ATOM   688 O O   A CYS A 1 93  ? -10.197 9.179   -6.496  0.50 27.77 ? 93  CYS A O   1 
ATOM   689 O O   B CYS A 1 93  ? -10.231 9.217   -6.460  0.50 27.42 ? 93  CYS A O   1 
ATOM   690 C CB  A CYS A 1 93  ? -10.198 8.463   -3.289  0.50 27.93 ? 93  CYS A CB  1 
ATOM   691 C CB  B CYS A 1 93  ? -10.248 8.350   -3.299  0.50 26.84 ? 93  CYS A CB  1 
ATOM   692 S SG  A CYS A 1 93  ? -10.874 7.215   -2.198  0.50 29.71 ? 93  CYS A SG  1 
ATOM   693 S SG  B CYS A 1 93  ? -12.031 8.424   -3.492  0.50 26.50 ? 93  CYS A SG  1 
ATOM   694 N N   . GLU A 1 94  ? -8.414  9.899   -5.331  1.00 28.03 ? 94  GLU A N   1 
ATOM   695 C CA  . GLU A 1 94  ? -8.197  11.038  -6.192  1.00 30.05 ? 94  GLU A CA  1 
ATOM   696 C C   . GLU A 1 94  ? -7.763  10.626  -7.594  1.00 30.01 ? 94  GLU A C   1 
ATOM   697 O O   . GLU A 1 94  ? -8.111  11.297  -8.553  1.00 28.13 ? 94  GLU A O   1 
ATOM   698 C CB  . GLU A 1 94  ? -7.193  12.005  -5.561  1.00 33.26 ? 94  GLU A CB  1 
ATOM   699 C CG  . GLU A 1 94  ? -7.769  12.796  -4.339  1.00 34.51 ? 94  GLU A CG  1 
ATOM   700 C CD  . GLU A 1 94  ? -8.934  13.736  -4.709  1.00 38.91 ? 94  GLU A CD  1 
ATOM   701 O OE1 . GLU A 1 94  ? -10.052 13.553  -4.174  1.00 38.68 ? 94  GLU A OE1 1 
ATOM   702 O OE2 . GLU A 1 94  ? -8.728  14.662  -5.531  1.00 38.22 ? 94  GLU A OE2 1 
ATOM   703 N N   . ALA A 1 95  ? -7.013  9.532   -7.713  1.00 30.23 ? 95  ALA A N   1 
ATOM   704 C CA  . ALA A 1 95  ? -6.568  9.046   -9.029  1.00 31.77 ? 95  ALA A CA  1 
ATOM   705 C C   . ALA A 1 95  ? -7.824  8.686   -9.819  1.00 32.18 ? 95  ALA A C   1 
ATOM   706 O O   . ALA A 1 95  ? -8.003  9.093   -10.970 1.00 32.54 ? 95  ALA A O   1 
ATOM   707 C CB  . ALA A 1 95  ? -5.662  7.797   -8.867  1.00 29.75 ? 95  ALA A CB  1 
ATOM   708 N N   . TYR A 1 96  ? -8.702  7.928   -9.178  1.00 31.42 ? 96  TYR A N   1 
ATOM   709 C CA  . TYR A 1 96  ? -9.945  7.519   -9.794  1.00 33.50 ? 96  TYR A CA  1 
ATOM   710 C C   . TYR A 1 96  ? -10.879 8.702   -10.078 1.00 34.66 ? 96  TYR A C   1 
ATOM   711 O O   . TYR A 1 96  ? -11.458 8.793   -11.168 1.00 34.12 ? 96  TYR A O   1 
ATOM   712 C CB  . TYR A 1 96  ? -10.650 6.479   -8.904  1.00 34.91 ? 96  TYR A CB  1 
ATOM   713 C CG  . TYR A 1 96  ? -10.162 5.061   -9.120  1.00 36.47 ? 96  TYR A CG  1 
ATOM   714 C CD1 . TYR A 1 96  ? -9.561  4.320   -8.086  1.00 37.40 ? 96  TYR A CD1 1 
ATOM   715 C CD2 . TYR A 1 96  ? -10.316 4.451   -10.358 1.00 36.50 ? 96  TYR A CD2 1 
ATOM   716 C CE1 . TYR A 1 96  ? -9.127  2.997   -8.300  1.00 37.31 ? 96  TYR A CE1 1 
ATOM   717 C CE2 . TYR A 1 96  ? -9.892  3.146   -10.582 1.00 38.06 ? 96  TYR A CE2 1 
ATOM   718 C CZ  . TYR A 1 96  ? -9.297  2.423   -9.555  1.00 38.74 ? 96  TYR A CZ  1 
ATOM   719 O OH  . TYR A 1 96  ? -8.873  1.134   -9.836  1.00 39.48 ? 96  TYR A OH  1 
ATOM   720 N N   . ARG A 1 97  ? -11.008 9.615   -9.117  1.00 35.52 ? 97  ARG A N   1 
ATOM   721 C CA  . ARG A 1 97  ? -11.881 10.774  -9.289  1.00 36.20 ? 97  ARG A CA  1 
ATOM   722 C C   . ARG A 1 97  ? -11.389 11.681  -10.412 1.00 37.03 ? 97  ARG A C   1 
ATOM   723 O O   . ARG A 1 97  ? -12.198 12.220  -11.171 1.00 36.61 ? 97  ARG A O   1 
ATOM   724 C CB  . ARG A 1 97  ? -11.989 11.601  -7.990  1.00 35.71 ? 97  ARG A CB  1 
ATOM   725 C CG  . ARG A 1 97  ? -13.075 12.703  -8.064  1.00 36.59 ? 97  ARG A CG  1 
ATOM   726 C CD  . ARG A 1 97  ? -13.235 13.498  -6.755  1.00 36.10 ? 97  ARG A CD  1 
ATOM   727 N NE  . ARG A 1 97  ? -12.028 14.251  -6.472  1.00 37.51 ? 97  ARG A NE  1 
ATOM   728 C CZ  . ARG A 1 97  ? -11.845 15.538  -6.748  1.00 38.30 ? 97  ARG A CZ  1 
ATOM   729 N NH1 . ARG A 1 97  ? -12.812 16.259  -7.305  1.00 39.54 ? 97  ARG A NH1 1 
ATOM   730 N NH2 . ARG A 1 97  ? -10.661 16.095  -6.518  1.00 37.02 ? 97  ARG A NH2 1 
ATOM   731 N N   . GLY A 1 98  ? -10.070 11.859  -10.504 1.00 36.30 ? 98  GLY A N   1 
ATOM   732 C CA  . GLY A 1 98  ? -9.512  12.706  -11.543 1.00 38.14 ? 98  GLY A CA  1 
ATOM   733 C C   . GLY A 1 98  ? -9.665  12.107  -12.932 1.00 39.54 ? 98  GLY A C   1 
ATOM   734 O O   . GLY A 1 98  ? -9.470  12.782  -13.943 1.00 40.41 ? 98  GLY A O   1 
ATOM   735 N N   . ALA A 1 99  ? -10.041 10.841  -12.988 1.00 39.74 ? 99  ALA A N   1 
ATOM   736 C CA  . ALA A 1 99  ? -10.185 10.155  -14.263 1.00 42.18 ? 99  ALA A CA  1 
ATOM   737 C C   . ALA A 1 99  ? -11.621 10.023  -14.779 1.00 43.42 ? 99  ALA A C   1 
ATOM   738 O O   . ALA A 1 99  ? -11.844 10.052  -15.991 1.00 44.13 ? 99  ALA A O   1 
ATOM   739 C CB  . ALA A 1 99  ? -9.550  8.778   -14.163 1.00 38.65 ? 99  ALA A CB  1 
ATOM   740 N N   . ILE A 1 100 ? -12.579 9.870   -13.865 1.00 44.73 ? 100 ILE A N   1 
ATOM   741 C CA  . ILE A 1 100 ? -13.990 9.693   -14.205 1.00 48.30 ? 100 ILE A CA  1 
ATOM   742 C C   . ILE A 1 100 ? -14.552 10.629  -15.271 1.00 50.24 ? 100 ILE A C   1 
ATOM   743 O O   . ILE A 1 100 ? -15.283 10.192  -16.161 1.00 51.07 ? 100 ILE A O   1 
ATOM   744 C CB  . ILE A 1 100 ? -14.878 9.813   -12.947 1.00 49.50 ? 100 ILE A CB  1 
ATOM   745 C CG1 . ILE A 1 100 ? -15.149 8.425   -12.375 1.00 51.02 ? 100 ILE A CG1 1 
ATOM   746 C CG2 . ILE A 1 100 ? -16.207 10.499  -13.290 1.00 51.27 ? 100 ILE A CG2 1 
ATOM   747 C CD1 . ILE A 1 100 ? -15.959 7.527   -13.288 1.00 51.10 ? 100 ILE A CD1 1 
ATOM   748 N N   . PHE A 1 101 ? -14.235 11.914  -15.180 1.00 51.65 ? 101 PHE A N   1 
ATOM   749 C CA  . PHE A 1 101 ? -14.745 12.857  -16.166 1.00 54.38 ? 101 PHE A CA  1 
ATOM   750 C C   . PHE A 1 101 ? -13.707 13.179  -17.235 1.00 55.91 ? 101 PHE A C   1 
ATOM   751 O O   . PHE A 1 101 ? -12.743 13.930  -16.946 1.00 58.02 ? 101 PHE A O   1 
ATOM   752 C CB  . PHE A 1 101 ? -15.234 14.133  -15.475 1.00 52.73 ? 101 PHE A CB  1 
ATOM   753 C CG  . PHE A 1 101 ? -16.256 13.881  -14.396 1.00 51.64 ? 101 PHE A CG  1 
ATOM   754 C CD1 . PHE A 1 101 ? -15.875 13.830  -13.056 1.00 50.90 ? 101 PHE A CD1 1 
ATOM   755 C CD2 . PHE A 1 101 ? -17.598 13.689  -14.719 1.00 51.43 ? 101 PHE A CD2 1 
ATOM   756 C CE1 . PHE A 1 101 ? -16.820 13.595  -12.051 1.00 50.69 ? 101 PHE A CE1 1 
ATOM   757 C CE2 . PHE A 1 101 ? -18.551 13.453  -13.724 1.00 50.88 ? 101 PHE A CE2 1 
ATOM   758 C CZ  . PHE A 1 101 ? -18.164 13.407  -12.388 1.00 50.50 ? 101 PHE A CZ  1 
HETATM 759 O O   . HOH B 2 .   ? 7.909   4.519   8.973   1.00 28.00 ? 103 HOH A O   1 
HETATM 760 O O   . HOH B 2 .   ? 3.271   1.888   14.358  1.00 48.30 ? 104 HOH A O   1 
HETATM 761 O O   . HOH B 2 .   ? -3.483  10.501  -6.443  1.00 37.54 ? 105 HOH A O   1 
HETATM 762 O O   . HOH B 2 .   ? -2.065  -0.329  11.099  1.00 31.15 ? 106 HOH A O   1 
HETATM 763 O O   . HOH B 2 .   ? 7.565   1.362   -2.614  1.00 43.55 ? 107 HOH A O   1 
HETATM 764 O O   . HOH B 2 .   ? -7.384  -0.137  -7.991  1.00 40.26 ? 108 HOH A O   1 
HETATM 765 O O   . HOH B 2 .   ? -6.349  4.436   15.227  1.00 42.97 ? 109 HOH A O   1 
HETATM 766 O O   . HOH B 2 .   ? -4.599  -14.614 -11.833 1.00 48.84 ? 110 HOH A O   1 
HETATM 767 O O   . HOH B 2 .   ? 4.835   0.443   -6.791  1.00 41.41 ? 111 HOH A O   1 
HETATM 768 O O   . HOH B 2 .   ? -0.691  9.344   -6.291  1.00 45.85 ? 112 HOH A O   1 
HETATM 769 O O   . HOH B 2 .   ? -6.345  10.372  -12.450 1.00 40.63 ? 113 HOH A O   1 
HETATM 770 O O   . HOH B 2 .   ? 1.874   6.349   19.055  1.00 46.83 ? 114 HOH A O   1 
HETATM 771 O O   . HOH B 2 .   ? 6.547   -11.201 -7.648  1.00 43.32 ? 115 HOH A O   1 
HETATM 772 O O   . HOH B 2 .   ? 10.127  -4.662  0.514   1.00 42.62 ? 116 HOH A O   1 
HETATM 773 O O   . HOH B 2 .   ? 0.227   8.091   -8.759  1.00 44.06 ? 117 HOH A O   1 
HETATM 774 O O   . HOH B 2 .   ? 6.345   2.315   -4.926  1.00 33.81 ? 118 HOH A O   1 
HETATM 775 O O   . HOH B 2 .   ? 3.774   2.640   -10.921 1.00 41.07 ? 119 HOH A O   1 
HETATM 776 O O   . HOH B 2 .   ? 8.035   -11.477 10.278  1.00 45.08 ? 120 HOH A O   1 
HETATM 777 O O   . HOH B 2 .   ? 6.120   -9.592  -1.150  1.00 48.68 ? 121 HOH A O   1 
HETATM 778 O O   . HOH B 2 .   ? 4.172   3.885   16.683  1.00 44.26 ? 122 HOH A O   1 
HETATM 779 O O   . HOH B 2 .   ? -6.877  -1.491  -15.549 1.00 43.26 ? 123 HOH A O   1 
HETATM 780 O O   . HOH B 2 .   ? 4.083   3.186   12.723  1.00 69.66 ? 124 HOH A O   1 
HETATM 781 O O   . HOH B 2 .   ? 1.830   -11.589 7.742   1.00 53.57 ? 125 HOH A O   1 
HETATM 782 O O   . HOH B 2 .   ? 11.778  1.909   3.124   1.00 54.82 ? 126 HOH A O   1 
HETATM 783 O O   . HOH B 2 .   ? 9.715   8.619   -2.592  1.00 54.38 ? 127 HOH A O   1 
HETATM 784 O O   . HOH B 2 .   ? -9.647  -6.629  3.301   1.00 52.94 ? 128 HOH A O   1 
HETATM 785 O O   . HOH B 2 .   ? -3.755  13.045  -5.491  1.00 46.55 ? 129 HOH A O   1 
HETATM 786 O O   . HOH B 2 .   ? -10.064 15.928  -10.117 1.00 53.87 ? 130 HOH A O   1 
HETATM 787 O O   . HOH B 2 .   ? 10.481  5.770   9.026   1.00 45.83 ? 131 HOH A O   1 
HETATM 788 O O   . HOH B 2 .   ? 8.687   12.645  -0.071  1.00 59.88 ? 132 HOH A O   1 
HETATM 789 O O   . HOH B 2 .   ? 2.251   10.998  -3.130  1.00 49.41 ? 133 HOH A O   1 
HETATM 790 O O   . HOH B 2 .   ? -12.768 13.478  -13.777 1.00 54.14 ? 134 HOH A O   1 
HETATM 791 O O   . HOH B 2 .   ? -8.775  14.330  -8.397  1.00 53.15 ? 135 HOH A O   1 
HETATM 792 O O   . HOH B 2 .   ? -2.611  -7.118  10.751  1.00 53.68 ? 136 HOH A O   1 
HETATM 793 O O   . HOH B 2 .   ? 13.683  -9.744  13.714  1.00 62.18 ? 137 HOH A O   1 
HETATM 794 O O   . HOH B 2 .   ? -13.071 15.286  -10.677 1.00 55.08 ? 138 HOH A O   1 
HETATM 795 O O   . HOH B 2 .   ? 8.513   -4.911  -6.073  1.00 58.20 ? 139 HOH A O   1 
HETATM 796 O O   . HOH B 2 .   ? 0.186   12.741  -5.899  1.00 54.99 ? 140 HOH A O   1 
# 
